data_2Z0P
#
_entry.id   2Z0P
#
_cell.length_a   59.417
_cell.length_b   62.499
_cell.length_c   117.064
_cell.angle_alpha   90.00
_cell.angle_beta   94.33
_cell.angle_gamma   90.00
#
_symmetry.space_group_name_H-M   'P 1 21 1'
#
loop_
_entity.id
_entity.type
_entity.pdbx_description
1 polymer 'Tyrosine-protein kinase BTK'
2 non-polymer 'ZINC ION'
3 non-polymer '(2R)-3-{[(S)-{[(2S,3R,5S,6S)-2,6-DIHYDROXY-3,4,5-TRIS(PHOSPHONOOXY)CYCLOHEXYL]OXY}(HYDROXY)PHOSPHORYL]OXY}-2-(1-HYDROXY BUTOXY)PROPYL BUTYRATE'
4 water water
#
_entity_poly.entity_id   1
_entity_poly.type   'polypeptide(L)'
_entity_poly.pdbx_seq_one_letter_code
;AAVILESIFLKRSQQKKKTSPLNFKKRLFLLTVHKLSYYEYDFERGRRGSKKGSIDVEKITCVETVVPEKNPPPERQIPR
RGEESSEMEQISIIERFPYPFQVVYDEGPLYVFSPTEELRKRWIHQLKNVIRYNSDLVQKYHPCFWIDGQYLCCSQTAKN
AMGCQILEN
;
_entity_poly.pdbx_strand_id   A,B,C,D
#
loop_
_chem_comp.id
_chem_comp.type
_chem_comp.name
_chem_comp.formula
4PT non-polymer '(2R)-3-{[(S)-{[(2S,3R,5S,6S)-2,6-DIHYDROXY-3,4,5-TRIS(PHOSPHONOOXY)CYCLOHEXYL]OXY}(HYDROXY)PHOSPHORYL]OXY}-2-(1-HYDROXY BUTOXY)PROPYL BUTYRATE' 'C17 H36 O22 P4'
ZN non-polymer 'ZINC ION' 'Zn 2'
#
# COMPACT_ATOMS: atom_id res chain seq x y z
N ALA A 1 2.88 6.50 -6.14
CA ALA A 1 1.75 6.20 -5.19
C ALA A 1 0.60 7.19 -5.34
N ALA A 2 -0.47 6.73 -5.98
CA ALA A 2 -1.66 7.52 -6.24
C ALA A 2 -2.40 7.99 -5.00
N VAL A 3 -3.01 9.16 -5.12
CA VAL A 3 -3.78 9.74 -4.04
C VAL A 3 -5.20 9.26 -4.21
N ILE A 4 -5.63 8.34 -3.34
CA ILE A 4 -6.97 7.79 -3.41
C ILE A 4 -7.99 8.89 -3.09
N LEU A 5 -7.78 9.57 -1.96
CA LEU A 5 -8.70 10.63 -1.56
C LEU A 5 -7.96 11.85 -1.02
N GLU A 6 -8.59 13.01 -1.16
CA GLU A 6 -8.00 14.27 -0.70
C GLU A 6 -9.11 15.23 -0.27
N SER A 7 -9.21 15.48 1.02
CA SER A 7 -10.24 16.36 1.55
C SER A 7 -9.71 17.29 2.62
N ILE A 8 -10.57 18.24 2.98
CA ILE A 8 -10.29 19.19 4.02
C ILE A 8 -11.23 18.82 5.15
N PHE A 9 -10.65 18.33 6.24
CA PHE A 9 -11.43 17.91 7.39
C PHE A 9 -10.99 18.71 8.61
N LEU A 10 -11.68 18.44 9.70
CA LEU A 10 -11.38 19.06 10.99
C LEU A 10 -10.94 17.89 11.88
N LYS A 11 -9.87 18.06 12.64
CA LYS A 11 -9.39 16.99 13.51
C LYS A 11 -9.10 17.40 14.94
N ARG A 12 -9.29 16.45 15.85
CA ARG A 12 -9.03 16.69 17.26
C ARG A 12 -7.58 16.33 17.52
N SER A 13 -6.93 17.03 18.44
CA SER A 13 -5.55 16.73 18.77
C SER A 13 -5.51 15.33 19.36
N GLN A 14 -4.49 14.56 19.00
CA GLN A 14 -4.34 13.21 19.50
C GLN A 14 -3.77 13.23 20.92
N GLN A 15 -3.49 14.43 21.43
CA GLN A 15 -2.93 14.60 22.77
C GLN A 15 -1.87 13.56 23.10
N LYS A 16 -0.98 13.29 22.15
CA LYS A 16 0.07 12.32 22.39
C LYS A 16 0.81 12.75 23.67
N LYS A 17 1.33 13.97 23.64
CA LYS A 17 2.05 14.53 24.77
C LYS A 17 1.14 14.85 25.94
N LYS A 18 1.76 15.16 27.08
CA LYS A 18 1.03 15.53 28.28
C LYS A 18 0.65 16.99 28.12
N THR A 19 1.63 17.76 27.66
CA THR A 19 1.49 19.20 27.42
C THR A 19 0.74 19.51 26.13
N SER A 20 -0.43 18.89 25.94
CA SER A 20 -1.20 19.13 24.73
C SER A 20 -2.66 19.39 24.98
N PRO A 21 -3.17 20.49 24.42
CA PRO A 21 -4.57 20.92 24.54
C PRO A 21 -5.49 20.06 23.71
N LEU A 22 -6.77 20.08 24.04
CA LEU A 22 -7.77 19.32 23.29
C LEU A 22 -8.39 20.30 22.28
N ASN A 23 -7.63 20.65 21.25
CA ASN A 23 -8.11 21.58 20.23
C ASN A 23 -8.30 20.97 18.83
N PHE A 24 -9.06 21.67 17.99
CA PHE A 24 -9.34 21.21 16.65
C PHE A 24 -8.71 22.08 15.57
N LYS A 25 -8.19 21.44 14.53
CA LYS A 25 -7.55 22.15 13.43
C LYS A 25 -8.00 21.68 12.06
N LYS A 26 -8.11 22.61 11.13
CA LYS A 26 -8.50 22.28 9.77
C LYS A 26 -7.24 21.75 9.13
N ARG A 27 -7.34 20.59 8.50
CA ARG A 27 -6.18 19.98 7.85
C ARG A 27 -6.57 19.41 6.51
N LEU A 28 -5.59 19.24 5.64
CA LEU A 28 -5.83 18.64 4.33
C LEU A 28 -5.41 17.17 4.45
N PHE A 29 -6.35 16.25 4.28
CA PHE A 29 -6.02 14.82 4.37
C PHE A 29 -5.82 14.18 3.00
N LEU A 30 -4.78 13.35 2.90
CA LEU A 30 -4.45 12.61 1.69
C LEU A 30 -4.44 11.16 2.09
N LEU A 31 -4.98 10.32 1.23
CA LEU A 31 -5.01 8.90 1.51
C LEU A 31 -4.37 8.13 0.38
N THR A 32 -3.25 7.45 0.66
CA THR A 32 -2.61 6.59 -0.33
C THR A 32 -2.74 5.21 0.27
N VAL A 33 -2.41 4.17 -0.48
CA VAL A 33 -2.55 2.83 0.07
C VAL A 33 -1.56 2.61 1.20
N HIS A 34 -0.53 3.45 1.27
CA HIS A 34 0.49 3.31 2.29
C HIS A 34 0.29 4.19 3.51
N LYS A 35 -0.20 5.41 3.31
CA LYS A 35 -0.39 6.29 4.46
C LYS A 35 -1.56 7.22 4.37
N LEU A 36 -1.97 7.67 5.54
CA LEU A 36 -3.04 8.62 5.69
C LEU A 36 -2.30 9.78 6.35
N SER A 37 -2.10 10.87 5.64
CA SER A 37 -1.36 11.97 6.24
C SER A 37 -2.10 13.28 6.11
N TYR A 38 -1.82 14.19 7.02
CA TYR A 38 -2.50 15.46 6.98
C TYR A 38 -1.55 16.64 7.08
N TYR A 39 -1.88 17.69 6.34
CA TYR A 39 -1.06 18.89 6.27
C TYR A 39 -1.88 20.13 6.54
N GLU A 40 -1.16 21.22 6.78
CA GLU A 40 -1.79 22.50 6.98
C GLU A 40 -2.13 22.91 5.55
N TYR A 41 -3.28 23.52 5.36
CA TYR A 41 -3.68 23.91 4.02
C TYR A 41 -3.43 25.39 3.81
N ASP A 42 -2.64 25.70 2.78
CA ASP A 42 -2.31 27.07 2.43
C ASP A 42 -3.45 27.60 1.55
N PHE A 43 -4.48 28.11 2.21
CA PHE A 43 -5.65 28.66 1.55
C PHE A 43 -5.36 29.68 0.44
N GLU A 44 -4.51 30.65 0.74
CA GLU A 44 -4.15 31.69 -0.21
C GLU A 44 -3.60 31.10 -1.51
N ARG A 45 -2.42 30.50 -1.43
CA ARG A 45 -1.78 29.90 -2.60
C ARG A 45 -2.63 28.77 -3.18
N GLY A 46 -3.53 28.22 -2.38
CA GLY A 46 -4.36 27.14 -2.87
C GLY A 46 -3.60 25.84 -3.02
N ARG A 47 -2.80 25.50 -2.02
CA ARG A 47 -2.01 24.26 -2.03
C ARG A 47 -1.80 23.78 -0.61
N ARG A 48 -1.24 22.57 -0.45
CA ARG A 48 -1.00 22.07 0.89
C ARG A 48 0.28 22.63 1.50
N GLY A 49 0.20 22.94 2.78
CA GLY A 49 1.36 23.48 3.48
C GLY A 49 2.27 22.41 4.00
N SER A 50 2.72 22.59 5.24
CA SER A 50 3.63 21.65 5.86
C SER A 50 2.93 20.44 6.46
N LYS A 51 3.49 19.25 6.20
CA LYS A 51 2.96 18.02 6.73
C LYS A 51 2.85 18.21 8.23
N LYS A 52 1.73 17.82 8.81
CA LYS A 52 1.55 18.00 10.24
C LYS A 52 1.33 16.67 10.94
N GLY A 53 1.07 15.63 10.15
CA GLY A 53 0.82 14.34 10.75
C GLY A 53 0.82 13.23 9.74
N SER A 54 0.97 12.00 10.23
CA SER A 54 0.97 10.86 9.33
C SER A 54 0.71 9.59 10.12
N ILE A 55 0.16 8.60 9.42
CA ILE A 55 -0.13 7.31 10.01
C ILE A 55 0.09 6.27 8.94
N ASP A 56 0.91 5.27 9.24
CA ASP A 56 1.16 4.21 8.28
C ASP A 56 -0.14 3.41 8.20
N VAL A 57 -0.59 3.09 6.99
CA VAL A 57 -1.82 2.35 6.87
C VAL A 57 -1.77 0.95 7.52
N GLU A 58 -0.60 0.32 7.54
CA GLU A 58 -0.52 -1.01 8.15
C GLU A 58 -0.73 -0.99 9.66
N LYS A 59 -0.69 0.20 10.26
CA LYS A 59 -0.89 0.34 11.70
C LYS A 59 -2.36 0.55 12.05
N ILE A 60 -3.20 0.74 11.04
CA ILE A 60 -4.63 0.97 11.29
C ILE A 60 -5.34 -0.34 11.55
N THR A 61 -6.08 -0.42 12.65
CA THR A 61 -6.78 -1.66 12.97
C THR A 61 -8.28 -1.52 12.83
N CYS A 62 -8.76 -0.28 12.77
CA CYS A 62 -10.18 -0.02 12.66
C CYS A 62 -10.53 1.42 12.23
N VAL A 63 -11.58 1.53 11.43
CA VAL A 63 -12.06 2.82 10.95
C VAL A 63 -13.57 2.73 11.04
N GLU A 64 -14.20 3.73 11.64
CA GLU A 64 -15.65 3.76 11.81
C GLU A 64 -16.12 5.14 12.24
N THR A 65 -17.43 5.36 12.18
CA THR A 65 -18.00 6.63 12.62
C THR A 65 -17.83 6.71 14.13
N VAL A 66 -18.44 7.72 14.74
CA VAL A 66 -18.34 7.90 16.17
C VAL A 66 -19.41 8.85 16.66
N VAL A 67 -20.23 8.40 17.61
CA VAL A 67 -21.30 9.22 18.16
C VAL A 67 -20.83 10.67 18.34
N PRO A 68 -21.63 11.63 17.86
CA PRO A 68 -21.37 13.08 17.93
C PRO A 68 -21.33 13.61 19.34
N GLU A 69 -20.58 14.68 19.56
CA GLU A 69 -20.51 15.27 20.89
C GLU A 69 -21.91 15.78 21.17
N LYS A 70 -22.35 15.73 22.43
CA LYS A 70 -23.70 16.19 22.74
C LYS A 70 -23.86 17.71 22.66
N ASN A 71 -22.80 18.45 22.95
CA ASN A 71 -22.84 19.90 22.91
C ASN A 71 -21.71 20.48 22.05
N PRO A 72 -21.81 20.31 20.73
CA PRO A 72 -20.83 20.78 19.75
C PRO A 72 -20.89 22.28 19.47
N PRO A 73 -19.72 22.94 19.37
CA PRO A 73 -19.74 24.37 19.09
C PRO A 73 -20.41 24.56 17.72
N PRO A 74 -20.73 25.80 17.33
CA PRO A 74 -21.37 26.00 16.04
C PRO A 74 -20.49 25.45 14.93
N GLU A 75 -19.18 25.46 15.18
CA GLU A 75 -18.21 24.97 14.24
C GLU A 75 -18.39 23.49 13.89
N ARG A 76 -19.05 22.74 14.77
CA ARG A 76 -19.29 21.30 14.53
C ARG A 76 -20.74 20.86 14.66
N GLN A 77 -21.67 21.81 14.63
CA GLN A 77 -23.10 21.48 14.75
C GLN A 77 -23.74 21.14 13.42
N ILE A 78 -24.61 20.13 13.41
CA ILE A 78 -25.30 19.72 12.19
C ILE A 78 -26.23 20.81 11.64
N MET A 88 -24.49 28.76 1.44
CA MET A 88 -24.05 28.15 0.19
C MET A 88 -22.91 27.13 0.38
N GLU A 89 -22.98 26.04 -0.39
CA GLU A 89 -22.01 24.95 -0.30
C GLU A 89 -20.53 25.30 -0.32
N GLN A 90 -20.11 26.13 -1.25
CA GLN A 90 -18.70 26.48 -1.33
C GLN A 90 -18.09 26.81 0.04
N ILE A 91 -18.77 27.67 0.79
CA ILE A 91 -18.27 28.06 2.09
C ILE A 91 -18.51 27.06 3.20
N SER A 92 -19.76 26.60 3.35
CA SER A 92 -20.09 25.67 4.42
C SER A 92 -19.29 24.38 4.40
N ILE A 93 -19.02 23.84 3.21
CA ILE A 93 -18.27 22.59 3.12
C ILE A 93 -16.83 22.72 3.66
N ILE A 94 -16.38 23.94 3.96
CA ILE A 94 -15.04 24.11 4.51
C ILE A 94 -15.07 24.87 5.83
N GLU A 95 -16.26 25.01 6.42
CA GLU A 95 -16.44 25.71 7.69
C GLU A 95 -17.17 24.87 8.72
N ARG A 96 -18.07 24.03 8.24
CA ARG A 96 -18.89 23.16 9.07
C ARG A 96 -18.45 21.70 8.93
N PHE A 97 -18.08 21.08 10.05
CA PHE A 97 -17.63 19.69 10.09
C PHE A 97 -18.32 19.00 11.24
N PRO A 98 -19.54 18.53 11.01
CA PRO A 98 -20.30 17.86 12.07
C PRO A 98 -20.41 16.32 12.01
N TYR A 99 -19.84 15.68 11.00
CA TYR A 99 -19.91 14.22 10.89
C TYR A 99 -18.57 13.56 11.17
N PRO A 100 -18.36 13.16 12.43
CA PRO A 100 -17.12 12.53 12.86
C PRO A 100 -16.98 11.04 12.62
N PHE A 101 -15.72 10.62 12.51
CA PHE A 101 -15.34 9.23 12.35
C PHE A 101 -13.94 9.06 12.97
N GLN A 102 -13.59 7.82 13.26
CA GLN A 102 -12.31 7.52 13.90
C GLN A 102 -11.42 6.55 13.15
N VAL A 103 -10.12 6.81 13.22
CA VAL A 103 -9.10 5.98 12.60
C VAL A 103 -8.30 5.45 13.78
N VAL A 104 -8.55 4.20 14.11
CA VAL A 104 -7.88 3.59 15.26
C VAL A 104 -6.58 2.89 14.92
N TYR A 105 -5.55 3.15 15.72
CA TYR A 105 -4.24 2.52 15.55
C TYR A 105 -3.52 2.47 16.91
N ASP A 106 -2.35 1.85 16.94
CA ASP A 106 -1.59 1.70 18.18
C ASP A 106 -1.66 2.89 19.13
N GLU A 107 -1.40 4.08 18.62
CA GLU A 107 -1.44 5.27 19.48
C GLU A 107 -2.83 5.89 19.60
N GLY A 108 -3.75 5.13 20.18
CA GLY A 108 -5.11 5.62 20.37
C GLY A 108 -5.88 5.95 19.10
N PRO A 109 -6.97 6.73 19.21
CA PRO A 109 -7.77 7.08 18.04
C PRO A 109 -7.54 8.50 17.52
N LEU A 110 -7.55 8.64 16.19
CA LEU A 110 -7.42 9.93 15.53
C LEU A 110 -8.85 10.26 15.15
N TYR A 111 -9.40 11.35 15.68
CA TYR A 111 -10.77 11.72 15.35
C TYR A 111 -10.78 12.72 14.21
N VAL A 112 -11.66 12.49 13.25
CA VAL A 112 -11.76 13.32 12.08
C VAL A 112 -13.19 13.75 11.79
N PHE A 113 -13.38 15.03 11.54
CA PHE A 113 -14.71 15.55 11.25
C PHE A 113 -14.91 16.03 9.82
N SER A 114 -15.85 15.38 9.14
CA SER A 114 -16.22 15.68 7.76
C SER A 114 -17.30 16.75 7.69
N PRO A 115 -17.46 17.40 6.53
CA PRO A 115 -18.46 18.45 6.31
C PRO A 115 -19.81 17.85 5.95
N THR A 116 -19.78 16.76 5.19
CA THR A 116 -21.01 16.09 4.78
C THR A 116 -21.05 14.60 5.14
N GLU A 117 -22.24 14.02 5.23
CA GLU A 117 -22.35 12.60 5.55
C GLU A 117 -21.85 11.76 4.36
N GLU A 118 -22.11 12.23 3.14
CA GLU A 118 -21.68 11.50 1.96
C GLU A 118 -20.16 11.32 1.95
N LEU A 119 -19.44 12.39 2.24
CA LEU A 119 -17.98 12.35 2.25
C LEU A 119 -17.38 11.40 3.29
N ARG A 120 -17.96 11.40 4.50
CA ARG A 120 -17.51 10.53 5.55
C ARG A 120 -17.70 9.09 5.11
N LYS A 121 -18.72 8.88 4.29
CA LYS A 121 -19.00 7.54 3.78
C LYS A 121 -17.93 7.14 2.79
N ARG A 122 -17.60 8.04 1.86
CA ARG A 122 -16.57 7.76 0.87
C ARG A 122 -15.25 7.42 1.56
N TRP A 123 -14.87 8.23 2.55
CA TRP A 123 -13.62 7.99 3.27
C TRP A 123 -13.63 6.69 4.05
N ILE A 124 -14.65 6.48 4.87
CA ILE A 124 -14.74 5.26 5.65
C ILE A 124 -14.75 4.05 4.75
N HIS A 125 -15.27 4.20 3.54
CA HIS A 125 -15.28 3.06 2.62
C HIS A 125 -13.90 2.81 2.04
N GLN A 126 -13.18 3.89 1.70
CA GLN A 126 -11.84 3.73 1.14
C GLN A 126 -10.80 3.31 2.15
N LEU A 127 -10.95 3.76 3.39
CA LEU A 127 -10.00 3.38 4.43
C LEU A 127 -10.13 1.89 4.74
N LYS A 128 -11.33 1.36 4.55
CA LYS A 128 -11.59 -0.06 4.76
C LYS A 128 -10.94 -0.91 3.67
N ASN A 129 -10.90 -0.41 2.43
CA ASN A 129 -10.29 -1.16 1.34
C ASN A 129 -8.78 -1.25 1.53
N VAL A 130 -8.20 -0.18 2.03
CA VAL A 130 -6.76 -0.12 2.26
C VAL A 130 -6.33 -0.96 3.47
N ILE A 131 -7.10 -0.93 4.54
CA ILE A 131 -6.76 -1.72 5.73
C ILE A 131 -7.12 -3.18 5.54
N ARG A 132 -7.89 -3.46 4.51
CA ARG A 132 -8.28 -4.83 4.19
C ARG A 132 -7.01 -5.67 4.09
N TYR A 133 -5.90 -5.04 3.74
CA TYR A 133 -4.61 -5.71 3.59
C TYR A 133 -3.82 -5.90 4.91
N ASN A 134 -4.39 -5.52 6.05
CA ASN A 134 -3.66 -5.72 7.30
C ASN A 134 -3.86 -7.14 7.82
N SER A 135 -2.88 -7.65 8.55
CA SER A 135 -2.96 -9.01 9.07
C SER A 135 -3.82 -9.17 10.32
N ASP A 136 -3.98 -8.12 11.11
CA ASP A 136 -4.79 -8.23 12.31
C ASP A 136 -5.64 -7.01 12.67
N LEU A 137 -6.79 -6.87 12.01
CA LEU A 137 -7.70 -5.77 12.28
C LEU A 137 -8.44 -6.13 13.56
N VAL A 138 -8.98 -5.14 14.25
CA VAL A 138 -9.71 -5.44 15.49
C VAL A 138 -11.15 -5.74 15.19
N GLN A 139 -11.70 -6.61 16.02
CA GLN A 139 -13.06 -7.06 15.91
C GLN A 139 -14.00 -6.07 16.61
N LYS A 140 -13.45 -5.29 17.53
CA LYS A 140 -14.24 -4.34 18.31
C LYS A 140 -13.70 -2.92 18.25
N TYR A 141 -14.44 -1.98 18.82
CA TYR A 141 -14.04 -0.58 18.84
C TYR A 141 -14.92 0.22 19.80
N HIS A 142 -14.48 1.43 20.13
CA HIS A 142 -15.21 2.33 21.04
C HIS A 142 -16.08 3.29 20.20
N PRO A 143 -17.41 3.14 20.27
CA PRO A 143 -18.35 3.98 19.52
C PRO A 143 -18.42 5.44 19.94
N CYS A 144 -17.91 5.78 21.11
CA CYS A 144 -17.95 7.15 21.58
C CYS A 144 -16.56 7.76 21.68
N PHE A 145 -16.51 9.08 21.72
CA PHE A 145 -15.25 9.78 21.82
C PHE A 145 -14.58 9.41 23.13
N TRP A 146 -13.24 9.44 23.12
CA TRP A 146 -12.46 9.20 24.32
C TRP A 146 -12.23 10.64 24.72
N ILE A 147 -13.06 11.18 25.60
CA ILE A 147 -12.88 12.58 25.99
C ILE A 147 -12.78 12.78 27.50
N ASP A 148 -11.73 13.47 27.92
CA ASP A 148 -11.47 13.77 29.33
C ASP A 148 -10.91 12.59 30.10
N GLY A 149 -9.87 11.96 29.56
CA GLY A 149 -9.23 10.82 30.22
C GLY A 149 -9.92 9.46 30.20
N GLN A 150 -11.16 9.39 29.72
CA GLN A 150 -11.88 8.12 29.67
C GLN A 150 -12.81 7.99 28.46
N TYR A 151 -13.20 6.76 28.13
CA TYR A 151 -14.11 6.50 27.01
C TYR A 151 -15.57 6.63 27.44
N LEU A 152 -16.26 7.64 26.93
CA LEU A 152 -17.65 7.88 27.29
C LEU A 152 -18.60 6.74 26.93
N CYS A 153 -18.06 5.68 26.32
CA CYS A 153 -18.91 4.56 25.94
C CYS A 153 -18.74 3.34 26.84
N CYS A 154 -17.71 3.36 27.68
CA CYS A 154 -17.46 2.21 28.53
C CYS A 154 -16.67 2.61 29.76
N SER A 155 -16.18 3.84 29.77
CA SER A 155 -15.41 4.36 30.89
C SER A 155 -13.99 3.85 31.03
N GLN A 156 -13.51 3.03 30.11
CA GLN A 156 -12.15 2.56 30.25
C GLN A 156 -11.22 3.75 30.07
N THR A 157 -10.03 3.68 30.65
CA THR A 157 -9.08 4.79 30.57
C THR A 157 -8.03 4.71 29.47
N ALA A 158 -7.33 3.58 29.36
CA ALA A 158 -6.29 3.44 28.34
C ALA A 158 -6.82 3.75 26.94
N LYS A 159 -6.18 4.71 26.26
CA LYS A 159 -6.60 5.07 24.91
C LYS A 159 -6.70 3.82 24.06
N ASN A 160 -5.70 2.96 24.14
CA ASN A 160 -5.71 1.76 23.33
C ASN A 160 -6.32 0.58 24.07
N ALA A 161 -7.28 0.87 24.94
CA ALA A 161 -7.98 -0.16 25.68
C ALA A 161 -8.87 -0.91 24.69
N MET A 162 -9.05 -2.20 24.87
CA MET A 162 -9.86 -2.98 23.95
C MET A 162 -11.21 -2.33 23.70
N GLY A 163 -11.64 -2.35 22.44
CA GLY A 163 -12.91 -1.77 22.08
C GLY A 163 -14.03 -2.38 22.90
N CYS A 164 -14.93 -1.53 23.36
CA CYS A 164 -16.06 -1.96 24.19
C CYS A 164 -17.30 -2.38 23.38
N GLN A 165 -17.13 -2.75 22.12
CA GLN A 165 -18.27 -3.14 21.30
C GLN A 165 -17.89 -3.90 20.02
N ILE A 166 -18.56 -5.02 19.79
CA ILE A 166 -18.30 -5.84 18.60
C ILE A 166 -18.64 -5.04 17.35
N LEU A 167 -17.78 -5.16 16.34
CA LEU A 167 -17.94 -4.44 15.08
C LEU A 167 -19.21 -4.74 14.29
N ALA B 1 -27.14 45.19 6.27
CA ALA B 1 -28.42 44.55 5.83
C ALA B 1 -28.22 43.06 5.63
N ALA B 2 -29.26 42.40 5.11
CA ALA B 2 -29.17 40.97 4.86
C ALA B 2 -28.21 40.74 3.70
N VAL B 3 -27.55 39.59 3.73
CA VAL B 3 -26.58 39.23 2.70
C VAL B 3 -27.18 38.54 1.47
N ILE B 4 -27.32 39.25 0.36
CA ILE B 4 -27.84 38.63 -0.84
C ILE B 4 -27.01 37.40 -1.19
N LEU B 5 -25.70 37.59 -1.34
CA LEU B 5 -24.78 36.51 -1.70
C LEU B 5 -23.44 36.61 -0.95
N GLU B 6 -22.75 35.47 -0.84
CA GLU B 6 -21.46 35.38 -0.19
C GLU B 6 -20.67 34.25 -0.85
N SER B 7 -19.49 34.58 -1.38
CA SER B 7 -18.67 33.60 -2.07
C SER B 7 -17.19 33.98 -2.02
N ILE B 8 -16.35 33.00 -2.35
CA ILE B 8 -14.92 33.20 -2.41
C ILE B 8 -14.55 33.28 -3.89
N PHE B 9 -13.99 34.40 -4.30
CA PHE B 9 -13.60 34.61 -5.67
C PHE B 9 -12.12 34.99 -5.73
N LEU B 10 -11.57 34.98 -6.95
CA LEU B 10 -10.20 35.38 -7.15
C LEU B 10 -10.37 36.83 -7.63
N LYS B 11 -9.59 37.74 -7.07
CA LYS B 11 -9.72 39.15 -7.46
C LYS B 11 -8.43 39.63 -8.10
N ARG B 12 -8.52 40.47 -9.14
CA ARG B 12 -7.32 41.02 -9.74
C ARG B 12 -7.08 42.35 -9.03
N SER B 13 -5.83 42.76 -8.91
CA SER B 13 -5.52 44.01 -8.25
C SER B 13 -6.12 45.17 -9.04
N GLN B 14 -6.72 46.13 -8.35
CA GLN B 14 -7.34 47.26 -9.03
C GLN B 14 -6.32 48.32 -9.44
N GLN B 15 -5.17 48.32 -8.79
CA GLN B 15 -4.12 49.29 -9.11
C GLN B 15 -4.64 50.70 -8.99
N LYS B 16 -5.29 51.03 -7.89
CA LYS B 16 -5.79 52.38 -7.74
C LYS B 16 -4.60 53.31 -7.60
N LYS B 17 -3.54 52.79 -7.00
CA LYS B 17 -2.32 53.55 -6.79
C LYS B 17 -1.10 52.96 -7.51
N LYS B 18 -0.75 53.62 -8.61
CA LYS B 18 0.38 53.33 -9.51
C LYS B 18 1.28 52.10 -9.36
N THR B 19 2.17 52.13 -8.37
CA THR B 19 3.13 51.05 -8.15
C THR B 19 2.58 49.67 -7.84
N SER B 20 1.40 49.61 -7.24
CA SER B 20 0.76 48.34 -6.88
C SER B 20 0.91 47.26 -7.94
N PRO B 21 1.22 46.04 -7.51
CA PRO B 21 1.39 44.90 -8.42
C PRO B 21 0.06 44.48 -9.03
N LEU B 22 0.06 44.06 -10.28
CA LEU B 22 -1.17 43.61 -10.92
C LEU B 22 -1.29 42.14 -10.52
N ASN B 23 -1.50 41.90 -9.24
CA ASN B 23 -1.61 40.53 -8.73
C ASN B 23 -3.04 40.07 -8.42
N PHE B 24 -3.19 38.76 -8.19
CA PHE B 24 -4.48 38.17 -7.91
C PHE B 24 -4.61 37.63 -6.49
N LYS B 25 -5.72 37.96 -5.83
CA LYS B 25 -5.96 37.51 -4.47
C LYS B 25 -7.34 36.89 -4.26
N LYS B 26 -7.41 35.96 -3.32
CA LYS B 26 -8.64 35.28 -2.97
C LYS B 26 -9.34 36.08 -1.90
N ARG B 27 -10.61 36.36 -2.10
CA ARG B 27 -11.38 37.12 -1.13
C ARG B 27 -12.78 36.60 -0.92
N LEU B 28 -13.32 36.90 0.25
CA LEU B 28 -14.68 36.55 0.58
C LEU B 28 -15.48 37.75 0.07
N PHE B 29 -16.40 37.53 -0.86
CA PHE B 29 -17.20 38.62 -1.37
C PHE B 29 -18.58 38.59 -0.77
N LEU B 30 -19.07 39.76 -0.38
CA LEU B 30 -20.40 39.89 0.22
C LEU B 30 -21.20 40.92 -0.54
N LEU B 31 -22.46 40.62 -0.79
CA LEU B 31 -23.32 41.56 -1.49
C LEU B 31 -24.58 41.85 -0.69
N THR B 32 -24.94 43.12 -0.62
CA THR B 32 -26.14 43.57 0.07
C THR B 32 -26.78 44.53 -0.92
N VAL B 33 -27.91 45.10 -0.55
CA VAL B 33 -28.57 46.04 -1.46
C VAL B 33 -27.78 47.34 -1.45
N HIS B 34 -26.94 47.53 -0.44
CA HIS B 34 -26.17 48.77 -0.32
C HIS B 34 -24.70 48.70 -0.75
N LYS B 35 -24.08 47.55 -0.60
CA LYS B 35 -22.68 47.48 -0.94
C LYS B 35 -22.18 46.13 -1.39
N LEU B 36 -21.17 46.19 -2.26
CA LEU B 36 -20.48 45.01 -2.73
C LEU B 36 -19.12 45.16 -2.07
N SER B 37 -18.78 44.30 -1.11
CA SER B 37 -17.49 44.42 -0.46
C SER B 37 -16.75 43.11 -0.36
N TYR B 38 -15.43 43.18 -0.28
CA TYR B 38 -14.61 41.97 -0.17
C TYR B 38 -13.68 42.01 1.02
N TYR B 39 -13.47 40.84 1.62
CA TYR B 39 -12.65 40.72 2.80
C TYR B 39 -11.64 39.60 2.63
N GLU B 40 -10.64 39.61 3.51
CA GLU B 40 -9.61 38.58 3.57
C GLU B 40 -10.37 37.41 4.21
N TYR B 41 -10.16 36.19 3.74
CA TYR B 41 -10.86 35.06 4.32
C TYR B 41 -9.98 34.33 5.28
N ASP B 42 -10.49 34.07 6.48
CA ASP B 42 -9.74 33.39 7.51
C ASP B 42 -10.06 31.90 7.47
N PHE B 43 -9.36 31.19 6.61
CA PHE B 43 -9.58 29.76 6.46
C PHE B 43 -9.43 28.98 7.79
N GLU B 44 -8.40 29.31 8.55
CA GLU B 44 -8.16 28.63 9.82
C GLU B 44 -9.35 28.77 10.75
N ARG B 45 -9.65 29.99 11.18
CA ARG B 45 -10.78 30.21 12.07
C ARG B 45 -12.12 29.99 11.37
N GLY B 46 -12.06 29.69 10.08
CA GLY B 46 -13.28 29.48 9.32
C GLY B 46 -14.24 30.64 9.47
N ARG B 47 -13.78 31.84 9.13
CA ARG B 47 -14.62 33.01 9.24
C ARG B 47 -14.10 34.19 8.43
N ARG B 48 -14.96 35.19 8.25
CA ARG B 48 -14.60 36.38 7.51
C ARG B 48 -13.43 37.08 8.20
N GLY B 49 -12.46 37.53 7.43
CA GLY B 49 -11.32 38.23 8.00
C GLY B 49 -11.53 39.73 7.91
N SER B 50 -10.46 40.48 7.63
CA SER B 50 -10.60 41.93 7.55
C SER B 50 -10.96 42.43 6.16
N LYS B 51 -11.65 43.57 6.13
CA LYS B 51 -12.08 44.16 4.87
C LYS B 51 -10.91 44.74 4.07
N LYS B 52 -10.87 44.43 2.78
CA LYS B 52 -9.81 44.94 1.90
C LYS B 52 -10.33 45.99 0.93
N GLY B 53 -11.63 45.97 0.67
CA GLY B 53 -12.20 46.93 -0.25
C GLY B 53 -13.70 46.87 -0.16
N SER B 54 -14.35 47.84 -0.79
CA SER B 54 -15.78 47.93 -0.78
C SER B 54 -16.24 48.92 -1.84
N ILE B 55 -17.34 48.63 -2.52
CA ILE B 55 -17.88 49.52 -3.52
C ILE B 55 -19.29 49.79 -3.13
N ASP B 56 -19.74 51.04 -3.28
CA ASP B 56 -21.11 51.39 -2.97
C ASP B 56 -21.93 51.07 -4.21
N VAL B 57 -22.93 50.22 -4.03
CA VAL B 57 -23.79 49.79 -5.10
C VAL B 57 -24.25 50.92 -6.03
N GLU B 58 -24.56 52.08 -5.47
CA GLU B 58 -25.02 53.22 -6.28
C GLU B 58 -23.97 53.74 -7.26
N LYS B 59 -22.70 53.42 -7.03
CA LYS B 59 -21.61 53.88 -7.89
C LYS B 59 -21.34 52.90 -9.02
N ILE B 60 -21.95 51.73 -8.95
CA ILE B 60 -21.76 50.72 -9.99
C ILE B 60 -22.61 51.11 -11.19
N THR B 61 -22.01 51.14 -12.37
CA THR B 61 -22.77 51.52 -13.55
C THR B 61 -22.94 50.37 -14.54
N CYS B 62 -22.19 49.29 -14.34
CA CYS B 62 -22.26 48.15 -15.25
C CYS B 62 -21.65 46.86 -14.70
N VAL B 63 -22.28 45.73 -15.02
CA VAL B 63 -21.79 44.42 -14.61
C VAL B 63 -21.95 43.42 -15.75
N GLU B 64 -20.84 42.84 -16.17
CA GLU B 64 -20.88 41.86 -17.25
C GLU B 64 -19.76 40.81 -17.18
N THR B 65 -19.82 39.84 -18.09
CA THR B 65 -18.79 38.82 -18.12
C THR B 65 -17.60 39.46 -18.81
N VAL B 66 -16.48 38.76 -18.80
CA VAL B 66 -15.27 39.27 -19.43
C VAL B 66 -14.67 38.17 -20.28
N VAL B 67 -14.23 38.54 -21.48
CA VAL B 67 -13.61 37.58 -22.38
C VAL B 67 -12.40 37.02 -21.63
N PRO B 68 -12.30 35.68 -21.51
CA PRO B 68 -11.21 35.00 -20.81
C PRO B 68 -9.82 35.38 -21.29
N GLU B 69 -8.85 35.34 -20.39
CA GLU B 69 -7.47 35.64 -20.76
C GLU B 69 -7.07 34.64 -21.86
N LYS B 70 -6.03 34.97 -22.62
CA LYS B 70 -5.56 34.10 -23.70
C LYS B 70 -4.76 32.94 -23.14
N ASN B 71 -3.74 33.28 -22.36
CA ASN B 71 -2.88 32.28 -21.73
C ASN B 71 -2.97 32.36 -20.21
N PRO B 72 -4.09 31.87 -19.65
CA PRO B 72 -4.35 31.86 -18.21
C PRO B 72 -3.49 30.83 -17.49
N PRO B 73 -3.01 31.17 -16.29
CA PRO B 73 -2.18 30.23 -15.53
C PRO B 73 -3.11 29.19 -14.90
N PRO B 74 -2.55 28.09 -14.36
CA PRO B 74 -3.33 27.03 -13.72
C PRO B 74 -4.49 27.51 -12.84
N GLU B 75 -4.17 28.36 -11.86
CA GLU B 75 -5.16 28.89 -10.93
C GLU B 75 -6.41 29.43 -11.64
N ARG B 76 -6.25 29.88 -12.88
CA ARG B 76 -7.39 30.43 -13.61
C ARG B 76 -7.74 29.73 -14.93
N GLN B 77 -7.27 28.50 -15.09
CA GLN B 77 -7.52 27.70 -16.28
C GLN B 77 -8.72 26.78 -16.03
N ILE B 78 -9.46 26.46 -17.08
CA ILE B 78 -10.61 25.57 -16.97
C ILE B 78 -10.19 24.12 -16.72
N GLU B 87 -9.73 16.73 -8.25
CA GLU B 87 -10.34 15.49 -7.76
C GLU B 87 -11.80 15.76 -7.34
N MET B 88 -12.01 16.40 -6.20
CA MET B 88 -13.39 16.69 -5.78
C MET B 88 -13.68 18.20 -5.77
N GLU B 89 -14.96 18.54 -5.65
CA GLU B 89 -15.40 19.93 -5.69
C GLU B 89 -15.32 20.75 -4.39
N GLN B 90 -14.79 20.18 -3.33
CA GLN B 90 -14.68 20.92 -2.08
C GLN B 90 -13.44 21.78 -2.18
N ILE B 91 -12.44 21.24 -2.85
CA ILE B 91 -11.16 21.89 -2.99
C ILE B 91 -10.99 22.72 -4.25
N SER B 92 -11.49 22.21 -5.38
CA SER B 92 -11.36 22.90 -6.65
C SER B 92 -12.19 24.18 -6.67
N ILE B 93 -13.22 24.20 -5.82
CA ILE B 93 -14.12 25.34 -5.74
C ILE B 93 -13.50 26.54 -5.01
N ILE B 94 -12.37 26.31 -4.35
CA ILE B 94 -11.69 27.40 -3.67
C ILE B 94 -10.25 27.49 -4.15
N GLU B 95 -9.94 26.80 -5.25
CA GLU B 95 -8.61 26.84 -5.83
C GLU B 95 -8.58 27.29 -7.29
N ARG B 96 -9.51 26.81 -8.10
CA ARG B 96 -9.55 27.17 -9.51
C ARG B 96 -10.65 28.22 -9.83
N PHE B 97 -10.24 29.35 -10.41
CA PHE B 97 -11.17 30.42 -10.74
C PHE B 97 -11.02 30.86 -12.19
N PRO B 98 -11.69 30.15 -13.11
CA PRO B 98 -11.56 30.52 -14.53
C PRO B 98 -12.64 31.37 -15.22
N TYR B 99 -13.77 31.60 -14.56
CA TYR B 99 -14.86 32.36 -15.18
C TYR B 99 -15.00 33.77 -14.59
N PRO B 100 -14.40 34.76 -15.27
CA PRO B 100 -14.41 36.16 -14.84
C PRO B 100 -15.54 37.08 -15.25
N PHE B 101 -15.79 38.06 -14.40
CA PHE B 101 -16.77 39.08 -14.66
C PHE B 101 -16.25 40.43 -14.19
N GLN B 102 -16.86 41.50 -14.66
CA GLN B 102 -16.39 42.82 -14.28
C GLN B 102 -17.46 43.68 -13.65
N VAL B 103 -17.06 44.44 -12.62
CA VAL B 103 -17.95 45.35 -11.93
C VAL B 103 -17.35 46.74 -12.16
N VAL B 104 -17.95 47.49 -13.08
CA VAL B 104 -17.46 48.82 -13.41
C VAL B 104 -18.00 49.92 -12.50
N TYR B 105 -17.16 50.93 -12.26
CA TYR B 105 -17.54 52.08 -11.45
C TYR B 105 -16.54 53.23 -11.70
N ASP B 106 -16.54 54.26 -10.85
CA ASP B 106 -15.62 55.39 -11.07
C ASP B 106 -14.20 54.92 -11.31
N GLU B 107 -13.59 54.50 -10.21
CA GLU B 107 -12.21 54.04 -10.16
C GLU B 107 -11.92 52.74 -10.90
N GLY B 108 -11.99 52.80 -12.23
CA GLY B 108 -11.71 51.62 -13.04
C GLY B 108 -12.62 50.43 -12.77
N PRO B 109 -12.45 49.34 -13.53
CA PRO B 109 -13.26 48.12 -13.40
C PRO B 109 -12.66 47.12 -12.42
N LEU B 110 -13.52 46.49 -11.61
CA LEU B 110 -13.07 45.45 -10.68
C LEU B 110 -13.30 44.12 -11.43
N TYR B 111 -12.24 43.32 -11.56
CA TYR B 111 -12.35 42.05 -12.25
C TYR B 111 -12.43 40.95 -11.21
N VAL B 112 -13.48 40.16 -11.30
CA VAL B 112 -13.73 39.07 -10.36
C VAL B 112 -13.79 37.71 -11.06
N PHE B 113 -13.07 36.73 -10.51
CA PHE B 113 -13.01 35.39 -11.09
C PHE B 113 -13.75 34.34 -10.25
N SER B 114 -14.82 33.78 -10.84
CA SER B 114 -15.63 32.75 -10.18
C SER B 114 -15.15 31.33 -10.48
N PRO B 115 -15.37 30.39 -9.53
CA PRO B 115 -14.94 29.02 -9.77
C PRO B 115 -15.89 28.27 -10.72
N THR B 116 -17.15 28.68 -10.77
CA THR B 116 -18.10 28.03 -11.65
C THR B 116 -18.91 29.02 -12.48
N GLU B 117 -19.37 28.56 -13.65
CA GLU B 117 -20.18 29.41 -14.53
C GLU B 117 -21.55 29.68 -13.91
N GLU B 118 -22.03 28.73 -13.12
CA GLU B 118 -23.33 28.87 -12.47
C GLU B 118 -23.29 30.02 -11.45
N LEU B 119 -22.30 29.96 -10.56
CA LEU B 119 -22.12 30.98 -9.52
C LEU B 119 -21.98 32.37 -10.14
N ARG B 120 -21.17 32.49 -11.19
CA ARG B 120 -20.98 33.78 -11.89
C ARG B 120 -22.30 34.30 -12.44
N LYS B 121 -23.09 33.38 -12.97
CA LYS B 121 -24.39 33.68 -13.52
C LYS B 121 -25.23 34.35 -12.42
N ARG B 122 -25.26 33.75 -11.24
CA ARG B 122 -26.04 34.30 -10.14
C ARG B 122 -25.55 35.63 -9.60
N TRP B 123 -24.23 35.80 -9.49
CA TRP B 123 -23.72 37.07 -9.00
C TRP B 123 -24.06 38.17 -9.99
N ILE B 124 -23.85 37.91 -11.27
CA ILE B 124 -24.19 38.88 -12.29
C ILE B 124 -25.69 39.15 -12.27
N HIS B 125 -26.49 38.12 -12.01
CA HIS B 125 -27.92 38.36 -11.97
C HIS B 125 -28.28 39.27 -10.79
N GLN B 126 -27.89 38.87 -9.58
CA GLN B 126 -28.19 39.67 -8.40
C GLN B 126 -27.61 41.08 -8.46
N LEU B 127 -26.39 41.22 -9.00
CA LEU B 127 -25.77 42.54 -9.12
C LEU B 127 -26.59 43.45 -10.03
N LYS B 128 -27.09 42.91 -11.13
CA LYS B 128 -27.90 43.69 -12.06
C LYS B 128 -29.23 44.10 -11.43
N ASN B 129 -29.73 43.28 -10.51
CA ASN B 129 -30.99 43.60 -9.84
C ASN B 129 -30.79 44.78 -8.88
N VAL B 130 -29.74 44.72 -8.06
CA VAL B 130 -29.51 45.82 -7.11
C VAL B 130 -29.18 47.15 -7.77
N ILE B 131 -28.61 47.13 -8.97
CA ILE B 131 -28.27 48.39 -9.64
C ILE B 131 -29.35 48.92 -10.59
N ARG B 132 -30.44 48.16 -10.75
CA ARG B 132 -31.58 48.52 -11.62
C ARG B 132 -31.91 50.00 -11.67
N TYR B 133 -32.15 50.55 -10.48
CA TYR B 133 -32.54 51.93 -10.33
C TYR B 133 -31.41 52.94 -10.13
N ASN B 134 -30.19 52.57 -10.52
CA ASN B 134 -29.06 53.50 -10.38
C ASN B 134 -29.24 54.60 -11.39
N SER B 135 -28.49 55.68 -11.25
CA SER B 135 -28.60 56.81 -12.17
C SER B 135 -27.81 56.68 -13.45
N ASP B 136 -26.57 56.24 -13.34
CA ASP B 136 -25.68 56.16 -14.50
C ASP B 136 -25.39 54.81 -15.16
N LEU B 137 -26.40 53.96 -15.23
CA LEU B 137 -26.22 52.65 -15.86
C LEU B 137 -25.90 52.80 -17.35
N VAL B 138 -24.61 52.83 -17.68
CA VAL B 138 -24.20 52.96 -19.08
C VAL B 138 -24.69 51.76 -19.87
N GLN B 139 -24.72 51.88 -21.19
CA GLN B 139 -25.16 50.78 -22.05
C GLN B 139 -24.03 50.38 -22.98
N LYS B 140 -22.80 50.73 -22.59
CA LYS B 140 -21.62 50.39 -23.36
C LYS B 140 -20.62 49.86 -22.35
N TYR B 141 -19.78 48.92 -22.79
CA TYR B 141 -18.78 48.36 -21.89
C TYR B 141 -17.65 47.75 -22.69
N HIS B 142 -16.56 47.41 -22.00
CA HIS B 142 -15.41 46.79 -22.63
C HIS B 142 -15.51 45.29 -22.34
N PRO B 143 -15.61 44.46 -23.39
CA PRO B 143 -15.72 43.01 -23.19
C PRO B 143 -14.42 42.33 -22.79
N CYS B 144 -13.31 43.06 -22.86
CA CYS B 144 -12.02 42.47 -22.52
C CYS B 144 -11.28 43.17 -21.39
N PHE B 145 -10.38 42.43 -20.76
CA PHE B 145 -9.60 43.00 -19.67
C PHE B 145 -8.90 44.27 -20.10
N TRP B 146 -8.34 44.96 -19.13
CA TRP B 146 -7.59 46.17 -19.38
C TRP B 146 -6.18 45.72 -19.03
N ILE B 147 -5.35 45.51 -20.04
CA ILE B 147 -3.97 45.06 -19.81
C ILE B 147 -2.93 45.98 -20.44
N ASP B 148 -1.91 46.31 -19.65
CA ASP B 148 -0.81 47.17 -20.11
C ASP B 148 -1.31 48.52 -20.59
N GLY B 149 -1.70 49.38 -19.66
CA GLY B 149 -2.17 50.71 -20.00
C GLY B 149 -3.28 50.86 -21.04
N GLN B 150 -3.89 49.76 -21.46
CA GLN B 150 -4.96 49.83 -22.46
C GLN B 150 -5.86 48.60 -22.46
N TYR B 151 -7.00 48.70 -23.14
CA TYR B 151 -7.95 47.60 -23.24
C TYR B 151 -7.53 46.70 -24.40
N LEU B 152 -8.20 45.55 -24.54
CA LEU B 152 -7.89 44.63 -25.65
C LEU B 152 -9.07 44.67 -26.61
N CYS B 153 -10.27 44.76 -26.06
CA CYS B 153 -11.49 44.83 -26.84
C CYS B 153 -11.30 45.92 -27.90
N CYS B 154 -10.98 47.11 -27.41
CA CYS B 154 -10.71 48.29 -28.22
C CYS B 154 -9.31 48.58 -27.72
N SER B 155 -8.62 49.58 -28.26
CA SER B 155 -7.28 49.82 -27.78
C SER B 155 -7.15 51.08 -26.97
N GLN B 156 -8.28 51.56 -26.44
CA GLN B 156 -8.28 52.79 -25.65
C GLN B 156 -7.36 52.67 -24.46
N THR B 157 -6.81 53.80 -24.02
CA THR B 157 -5.87 53.83 -22.91
C THR B 157 -6.40 54.53 -21.68
N ALA B 158 -7.71 54.77 -21.65
CA ALA B 158 -8.31 55.42 -20.51
C ALA B 158 -8.95 54.37 -19.62
N LYS B 159 -8.56 54.35 -18.35
CA LYS B 159 -9.10 53.38 -17.41
C LYS B 159 -10.63 53.52 -17.36
N ASN B 160 -11.11 54.76 -17.32
CA ASN B 160 -12.55 55.02 -17.29
C ASN B 160 -13.06 55.43 -18.68
N ALA B 161 -12.47 54.85 -19.72
CA ALA B 161 -12.87 55.15 -21.08
C ALA B 161 -14.21 54.54 -21.43
N MET B 162 -15.03 55.28 -22.18
CA MET B 162 -16.33 54.77 -22.59
C MET B 162 -16.16 53.39 -23.21
N GLY B 163 -17.14 52.51 -23.00
CA GLY B 163 -17.06 51.17 -23.54
C GLY B 163 -16.99 51.13 -25.06
N CYS B 164 -16.39 50.07 -25.59
CA CYS B 164 -16.24 49.92 -27.03
C CYS B 164 -17.35 49.10 -27.69
N GLN B 165 -18.25 48.54 -26.88
CA GLN B 165 -19.34 47.73 -27.43
C GLN B 165 -20.67 47.96 -26.74
N ILE B 166 -21.75 47.74 -27.48
CA ILE B 166 -23.09 47.93 -26.93
C ILE B 166 -23.37 46.80 -25.95
N LEU B 167 -24.25 47.05 -25.00
CA LEU B 167 -24.61 46.07 -23.98
C LEU B 167 -25.84 45.26 -24.39
N GLU B 168 -25.80 43.95 -24.10
CA GLU B 168 -26.91 43.05 -24.42
C GLU B 168 -28.08 43.24 -23.45
N ASN B 169 -29.24 43.59 -23.99
CA ASN B 169 -30.46 43.78 -23.18
C ASN B 169 -30.40 45.06 -22.37
N ALA C 1 24.03 -46.95 -7.59
CA ALA C 1 23.13 -47.30 -8.71
C ALA C 1 22.02 -46.26 -8.92
N ALA C 2 20.95 -46.67 -9.59
CA ALA C 2 19.82 -45.80 -9.88
C ALA C 2 19.09 -45.39 -8.61
N VAL C 3 18.96 -44.08 -8.42
CA VAL C 3 18.27 -43.51 -7.27
C VAL C 3 16.76 -43.69 -7.36
N ILE C 4 16.22 -44.55 -6.51
CA ILE C 4 14.79 -44.83 -6.47
C ILE C 4 14.04 -43.63 -5.88
N LEU C 5 14.60 -43.02 -4.83
CA LEU C 5 13.98 -41.88 -4.17
C LEU C 5 15.00 -40.99 -3.47
N GLU C 6 14.71 -39.69 -3.43
CA GLU C 6 15.55 -38.71 -2.79
C GLU C 6 14.62 -37.66 -2.18
N SER C 7 14.78 -37.41 -0.88
CA SER C 7 13.95 -36.46 -0.17
C SER C 7 14.66 -35.81 1.02
N ILE C 8 14.09 -34.71 1.49
CA ILE C 8 14.61 -34.00 2.65
C ILE C 8 13.64 -34.39 3.76
N PHE C 9 14.17 -34.99 4.82
CA PHE C 9 13.35 -35.43 5.95
C PHE C 9 13.92 -34.89 7.24
N LEU C 10 13.15 -35.02 8.32
CA LEU C 10 13.62 -34.61 9.62
C LEU C 10 14.02 -35.93 10.29
N LYS C 11 15.26 -36.00 10.77
CA LYS C 11 15.77 -37.21 11.39
C LYS C 11 16.13 -37.07 12.87
N ARG C 12 15.52 -37.86 13.73
CA ARG C 12 15.86 -37.80 15.14
C ARG C 12 17.23 -38.44 15.31
N SER C 13 17.84 -38.25 16.47
CA SER C 13 19.17 -38.82 16.71
C SER C 13 19.03 -40.29 17.16
N GLN C 14 19.86 -41.16 16.59
CA GLN C 14 19.82 -42.58 16.92
C GLN C 14 20.33 -42.88 18.32
N GLN C 15 21.40 -42.19 18.70
CA GLN C 15 22.04 -42.33 20.00
C GLN C 15 23.15 -43.37 19.99
N LYS C 16 23.86 -43.48 18.86
CA LYS C 16 24.97 -44.42 18.76
C LYS C 16 26.01 -44.13 19.82
N LEU C 22 18.95 -36.37 21.95
CA LEU C 22 17.75 -36.56 21.14
C LEU C 22 17.39 -35.30 20.37
N ASN C 23 18.24 -34.94 19.40
CA ASN C 23 17.98 -33.75 18.59
C ASN C 23 17.64 -34.18 17.18
N PHE C 24 17.00 -33.29 16.44
CA PHE C 24 16.62 -33.57 15.06
C PHE C 24 17.48 -32.82 14.06
N LYS C 25 17.36 -33.22 12.79
CA LYS C 25 18.14 -32.61 11.72
C LYS C 25 17.49 -32.85 10.37
N LYS C 26 17.71 -31.93 9.44
CA LYS C 26 17.18 -32.07 8.10
C LYS C 26 18.31 -32.72 7.33
N ARG C 27 18.03 -33.84 6.68
CA ARG C 27 19.05 -34.50 5.91
C ARG C 27 18.44 -34.90 4.59
N LEU C 28 19.30 -35.03 3.58
CA LEU C 28 18.86 -35.47 2.27
C LEU C 28 19.00 -37.00 2.31
N PHE C 29 17.90 -37.72 2.09
CA PHE C 29 17.95 -39.17 2.09
C PHE C 29 17.88 -39.68 0.65
N LEU C 30 18.62 -40.73 0.35
CA LEU C 30 18.61 -41.33 -0.99
C LEU C 30 18.36 -42.83 -0.86
N LEU C 31 17.67 -43.42 -1.83
CA LEU C 31 17.37 -44.84 -1.79
C LEU C 31 17.67 -45.61 -3.08
N THR C 32 18.51 -46.64 -2.95
CA THR C 32 18.86 -47.50 -4.08
C THR C 32 18.36 -48.87 -3.65
N VAL C 33 18.57 -49.85 -4.51
CA VAL C 33 18.17 -51.22 -4.18
C VAL C 33 19.25 -51.80 -3.27
N HIS C 34 20.30 -51.02 -3.05
CA HIS C 34 21.41 -51.47 -2.23
C HIS C 34 21.62 -50.71 -0.92
N LYS C 35 21.56 -49.38 -0.98
CA LYS C 35 21.81 -48.62 0.22
C LYS C 35 20.92 -47.40 0.46
N LEU C 36 20.61 -47.20 1.73
CA LEU C 36 19.80 -46.08 2.19
C LEU C 36 20.73 -45.16 2.97
N SER C 37 21.01 -43.99 2.42
CA SER C 37 21.90 -43.05 3.07
C SER C 37 21.30 -41.66 3.19
N TYR C 38 21.86 -40.88 4.11
CA TYR C 38 21.39 -39.53 4.36
C TYR C 38 22.57 -38.58 4.48
N TYR C 39 22.45 -37.42 3.85
CA TYR C 39 23.51 -36.43 3.86
C TYR C 39 23.00 -35.11 4.40
N GLU C 40 23.93 -34.21 4.71
CA GLU C 40 23.57 -32.87 5.20
C GLU C 40 23.25 -32.13 3.91
N TYR C 41 22.19 -31.35 3.92
CA TYR C 41 21.81 -30.61 2.72
C TYR C 41 22.46 -29.25 2.63
N ASP C 42 23.00 -28.95 1.44
CA ASP C 42 23.67 -27.67 1.18
C ASP C 42 22.66 -26.76 0.47
N PHE C 43 21.95 -25.95 1.25
CA PHE C 43 20.94 -25.05 0.67
C PHE C 43 21.48 -24.03 -0.33
N GLU C 44 22.45 -23.24 0.09
CA GLU C 44 23.02 -22.22 -0.79
C GLU C 44 23.34 -22.74 -2.19
N ARG C 45 24.22 -23.73 -2.29
CA ARG C 45 24.56 -24.26 -3.60
C ARG C 45 23.49 -25.18 -4.20
N GLY C 46 22.47 -25.48 -3.40
CA GLY C 46 21.39 -26.32 -3.88
C GLY C 46 21.81 -27.70 -4.31
N ARG C 47 22.42 -28.45 -3.40
CA ARG C 47 22.87 -29.79 -3.72
C ARG C 47 23.30 -30.55 -2.47
N ARG C 48 23.49 -31.85 -2.62
CA ARG C 48 23.91 -32.72 -1.53
C ARG C 48 25.22 -32.26 -0.89
N GLY C 49 25.27 -32.29 0.44
CA GLY C 49 26.46 -31.89 1.15
C GLY C 49 27.30 -33.12 1.44
N SER C 50 27.50 -33.43 2.72
CA SER C 50 28.30 -34.59 3.12
C SER C 50 27.48 -35.75 3.69
N LYS C 51 28.00 -36.97 3.56
CA LYS C 51 27.34 -38.15 4.10
C LYS C 51 27.35 -38.06 5.63
N LYS C 52 26.30 -38.56 6.27
CA LYS C 52 26.22 -38.55 7.72
C LYS C 52 25.84 -39.95 8.22
N GLY C 53 25.58 -40.83 7.26
CA GLY C 53 25.21 -42.19 7.59
C GLY C 53 24.69 -42.96 6.40
N SER C 54 24.79 -44.28 6.50
CA SER C 54 24.32 -45.17 5.46
C SER C 54 23.83 -46.45 6.13
N ILE C 55 22.97 -47.19 5.45
CA ILE C 55 22.42 -48.44 5.98
C ILE C 55 22.21 -49.35 4.80
N ASP C 56 22.82 -50.54 4.83
CA ASP C 56 22.66 -51.46 3.73
C ASP C 56 21.25 -52.03 3.72
N VAL C 57 20.59 -51.90 2.58
CA VAL C 57 19.24 -52.41 2.45
C VAL C 57 19.12 -53.81 3.04
N GLU C 58 20.14 -54.63 2.83
CA GLU C 58 20.18 -56.01 3.33
C GLU C 58 19.96 -56.09 4.83
N LYS C 59 20.57 -55.17 5.59
CA LYS C 59 20.44 -55.19 7.04
C LYS C 59 19.20 -54.49 7.58
N ILE C 60 18.13 -54.47 6.78
CA ILE C 60 16.90 -53.85 7.20
C ILE C 60 15.88 -54.95 7.44
N THR C 61 15.48 -55.10 8.68
CA THR C 61 14.56 -56.14 9.07
C THR C 61 13.11 -55.71 9.08
N CYS C 62 12.86 -54.39 9.06
CA CYS C 62 11.49 -53.89 9.08
C CYS C 62 11.36 -52.38 8.85
N VAL C 63 10.27 -52.00 8.18
CA VAL C 63 9.99 -50.60 7.90
C VAL C 63 8.49 -50.36 8.08
N GLU C 64 8.13 -49.41 8.94
CA GLU C 64 6.73 -49.11 9.18
C GLU C 64 6.53 -47.69 9.69
N THR C 65 5.29 -47.26 9.73
CA THR C 65 4.96 -45.94 10.23
C THR C 65 5.18 -45.96 11.74
N VAL C 66 5.13 -44.79 12.36
CA VAL C 66 5.30 -44.68 13.79
C VAL C 66 4.18 -43.83 14.37
N VAL C 67 3.74 -44.17 15.59
CA VAL C 67 2.69 -43.43 16.24
C VAL C 67 3.25 -42.03 16.42
N PRO C 68 2.48 -41.00 16.03
CA PRO C 68 2.92 -39.63 16.16
C PRO C 68 3.00 -39.18 17.61
N GLU C 69 4.05 -38.45 17.96
CA GLU C 69 4.21 -37.96 19.32
C GLU C 69 2.89 -37.27 19.67
N LYS C 70 2.52 -37.31 20.94
CA LYS C 70 1.28 -36.68 21.38
C LYS C 70 1.40 -35.15 21.43
N ASN C 71 2.58 -34.67 21.76
CA ASN C 71 2.82 -33.22 21.84
C ASN C 71 4.00 -32.76 20.99
N PRO C 72 3.83 -32.81 19.66
CA PRO C 72 4.89 -32.39 18.73
C PRO C 72 5.11 -30.88 18.68
N PRO C 73 6.37 -30.42 18.68
CA PRO C 73 6.66 -28.99 18.63
C PRO C 73 6.26 -28.46 17.25
N PRO C 74 6.18 -27.12 17.10
CA PRO C 74 5.80 -26.50 15.83
C PRO C 74 6.31 -27.20 14.56
N GLU C 75 7.58 -27.55 14.56
CA GLU C 75 8.20 -28.19 13.39
C GLU C 75 7.70 -29.61 13.06
N ARG C 76 6.94 -30.23 13.95
CA ARG C 76 6.42 -31.58 13.71
C ARG C 76 4.91 -31.75 13.90
N GLN C 77 4.17 -30.64 13.83
CA GLN C 77 2.72 -30.66 14.00
C GLN C 77 2.06 -30.58 12.62
N ILE C 78 0.84 -31.11 12.52
CA ILE C 78 0.14 -31.06 11.24
C ILE C 78 -0.38 -29.66 10.96
N MET C 88 3.64 -21.05 -0.21
CA MET C 88 2.77 -22.22 -0.26
C MET C 88 3.46 -23.53 0.21
N GLU C 89 3.44 -24.55 -0.64
CA GLU C 89 4.03 -25.84 -0.33
C GLU C 89 5.54 -25.87 -0.47
N GLN C 90 6.08 -25.13 -1.45
CA GLN C 90 7.52 -25.08 -1.69
C GLN C 90 8.29 -24.93 -0.37
N ILE C 91 7.71 -24.15 0.52
CA ILE C 91 8.35 -23.87 1.79
C ILE C 91 7.93 -24.81 2.94
N SER C 92 6.63 -25.09 3.06
CA SER C 92 6.18 -25.96 4.15
C SER C 92 6.76 -27.35 4.01
N ILE C 93 7.01 -27.76 2.78
CA ILE C 93 7.55 -29.09 2.51
C ILE C 93 9.00 -29.30 2.96
N ILE C 94 9.71 -28.23 3.31
CA ILE C 94 11.08 -28.39 3.82
C ILE C 94 11.21 -27.68 5.14
N GLU C 95 10.07 -27.45 5.78
CA GLU C 95 10.05 -26.77 7.08
C GLU C 95 9.36 -27.59 8.15
N ARG C 96 8.19 -28.15 7.84
CA ARG C 96 7.45 -28.96 8.82
C ARG C 96 7.48 -30.46 8.49
N PHE C 97 7.78 -31.28 9.49
CA PHE C 97 7.84 -32.72 9.31
C PHE C 97 6.99 -33.44 10.34
N PRO C 98 5.72 -33.69 10.00
CA PRO C 98 4.83 -34.37 10.94
C PRO C 98 4.64 -35.90 10.88
N TYR C 99 4.72 -36.51 9.69
CA TYR C 99 4.49 -37.95 9.54
C TYR C 99 5.74 -38.83 9.59
N PRO C 100 6.07 -39.36 10.76
CA PRO C 100 7.25 -40.21 10.98
C PRO C 100 7.07 -41.68 10.64
N PHE C 101 8.19 -42.33 10.35
CA PHE C 101 8.21 -43.75 10.07
C PHE C 101 9.55 -44.24 10.59
N GLN C 102 9.71 -45.55 10.68
CA GLN C 102 10.93 -46.10 11.22
C GLN C 102 11.60 -47.10 10.28
N VAL C 103 12.92 -47.18 10.40
CA VAL C 103 13.74 -48.11 9.63
C VAL C 103 14.47 -48.91 10.70
N VAL C 104 13.98 -50.10 10.97
CA VAL C 104 14.60 -50.92 12.00
C VAL C 104 15.71 -51.80 11.49
N TYR C 105 16.82 -51.78 12.20
CA TYR C 105 17.98 -52.58 11.87
C TYR C 105 18.88 -52.73 13.10
N ASP C 106 20.08 -53.24 12.90
CA ASP C 106 21.05 -53.46 13.97
C ASP C 106 21.10 -52.39 15.05
N GLU C 107 21.85 -51.33 14.77
CA GLU C 107 22.06 -50.23 15.72
C GLU C 107 20.84 -49.70 16.47
N GLY C 108 19.64 -50.05 16.02
CA GLY C 108 18.45 -49.57 16.70
C GLY C 108 17.46 -49.05 15.68
N PRO C 109 16.40 -48.32 16.11
CA PRO C 109 15.43 -47.81 15.14
C PRO C 109 15.82 -46.42 14.62
N LEU C 110 15.78 -46.22 13.31
CA LEU C 110 16.09 -44.91 12.74
C LEU C 110 14.74 -44.25 12.50
N TYR C 111 14.48 -43.13 13.15
CA TYR C 111 13.19 -42.44 12.98
C TYR C 111 13.24 -41.30 11.95
N VAL C 112 12.42 -41.41 10.92
CA VAL C 112 12.39 -40.40 9.86
C VAL C 112 11.06 -39.68 9.75
N PHE C 113 11.09 -38.35 9.82
CA PHE C 113 9.88 -37.56 9.73
C PHE C 113 9.69 -36.96 8.35
N SER C 114 8.64 -37.39 7.67
CA SER C 114 8.34 -36.91 6.34
C SER C 114 7.41 -35.70 6.40
N PRO C 115 7.57 -34.75 5.46
CA PRO C 115 6.74 -33.54 5.42
C PRO C 115 5.29 -33.80 4.98
N THR C 116 5.04 -34.93 4.33
CA THR C 116 3.69 -35.25 3.87
C THR C 116 3.45 -36.75 3.90
N GLU C 117 2.18 -37.15 3.94
CA GLU C 117 1.81 -38.55 3.96
C GLU C 117 2.12 -39.23 2.64
N GLU C 118 1.79 -38.55 1.54
CA GLU C 118 2.02 -39.06 0.18
C GLU C 118 3.46 -39.55 0.05
N LEU C 119 4.38 -38.83 0.69
CA LEU C 119 5.80 -39.15 0.61
C LEU C 119 6.20 -40.30 1.54
N ARG C 120 5.60 -40.36 2.72
CA ARG C 120 5.94 -41.43 3.65
C ARG C 120 5.47 -42.75 3.05
N LYS C 121 4.26 -42.71 2.50
CA LYS C 121 3.66 -43.87 1.85
C LYS C 121 4.63 -44.37 0.80
N ARG C 122 5.12 -43.45 -0.03
CA ARG C 122 6.05 -43.80 -1.09
C ARG C 122 7.38 -44.36 -0.60
N TRP C 123 7.93 -43.78 0.46
CA TRP C 123 9.21 -44.28 0.99
C TRP C 123 9.05 -45.67 1.62
N ILE C 124 7.94 -45.86 2.32
CA ILE C 124 7.66 -47.14 2.97
C ILE C 124 7.46 -48.21 1.89
N HIS C 125 6.65 -47.91 0.88
CA HIS C 125 6.39 -48.86 -0.19
C HIS C 125 7.66 -49.21 -0.95
N GLN C 126 8.56 -48.25 -1.10
CA GLN C 126 9.81 -48.51 -1.81
C GLN C 126 10.79 -49.27 -0.93
N LEU C 127 10.76 -49.01 0.36
CA LEU C 127 11.66 -49.72 1.27
C LEU C 127 11.25 -51.18 1.40
N LYS C 128 9.96 -51.43 1.31
CA LYS C 128 9.43 -52.78 1.39
C LYS C 128 9.78 -53.53 0.11
N ASN C 129 9.59 -52.86 -1.03
CA ASN C 129 9.88 -53.42 -2.34
C ASN C 129 11.33 -53.91 -2.35
N VAL C 130 12.22 -53.04 -1.90
CA VAL C 130 13.65 -53.32 -1.88
C VAL C 130 14.16 -54.36 -0.88
N ILE C 131 13.54 -54.46 0.29
CA ILE C 131 14.01 -55.43 1.28
C ILE C 131 13.34 -56.81 1.23
N ARG C 132 12.78 -57.16 0.08
CA ARG C 132 12.11 -58.45 -0.08
C ARG C 132 13.12 -59.60 -0.18
N TYR C 133 14.32 -59.30 -0.70
CA TYR C 133 15.37 -60.31 -0.86
C TYR C 133 16.14 -60.56 0.45
N ASN C 134 15.70 -59.91 1.52
CA ASN C 134 16.36 -60.09 2.81
C ASN C 134 15.85 -61.38 3.46
N SER C 135 16.55 -61.86 4.49
CA SER C 135 16.14 -63.11 5.13
C SER C 135 15.51 -62.96 6.51
N ASP C 136 15.89 -61.92 7.24
CA ASP C 136 15.37 -61.71 8.59
C ASP C 136 14.27 -60.66 8.70
N LEU C 137 13.34 -60.64 7.75
CA LEU C 137 12.25 -59.67 7.79
C LEU C 137 11.34 -59.96 8.98
N VAL C 138 11.77 -59.60 10.18
CA VAL C 138 10.97 -59.82 11.38
C VAL C 138 9.51 -59.49 11.08
N GLN C 139 8.59 -60.22 11.72
CA GLN C 139 7.16 -60.02 11.52
C GLN C 139 6.51 -59.25 12.66
N LYS C 140 7.33 -58.78 13.60
CA LYS C 140 6.84 -58.01 14.74
C LYS C 140 7.62 -56.70 14.88
N TYR C 141 6.92 -55.65 15.29
CA TYR C 141 7.56 -54.36 15.43
C TYR C 141 6.89 -53.50 16.50
N HIS C 142 7.62 -52.49 16.97
CA HIS C 142 7.14 -51.54 17.98
C HIS C 142 6.46 -50.36 17.29
N PRO C 143 5.14 -50.20 17.48
CA PRO C 143 4.37 -49.11 16.87
C PRO C 143 4.67 -47.70 17.38
N CYS C 144 5.35 -47.60 18.52
CA CYS C 144 5.67 -46.30 19.11
C CYS C 144 7.15 -46.07 19.28
N PHE C 145 7.52 -44.83 19.54
CA PHE C 145 8.91 -44.42 19.71
C PHE C 145 9.65 -45.05 20.89
N TRP C 146 10.95 -44.76 20.94
CA TRP C 146 11.83 -45.23 22.01
C TRP C 146 12.22 -43.92 22.68
N ILE C 147 11.52 -43.56 23.77
CA ILE C 147 11.78 -42.30 24.45
C ILE C 147 12.88 -42.21 25.51
N ASP C 148 12.52 -42.35 26.77
CA ASP C 148 13.49 -42.27 27.87
C ASP C 148 14.45 -43.45 27.90
N GLY C 149 13.91 -44.63 27.57
CA GLY C 149 14.70 -45.83 27.55
C GLY C 149 13.78 -47.03 27.43
N GLN C 150 12.60 -46.79 26.86
CA GLN C 150 11.60 -47.84 26.67
C GLN C 150 10.67 -47.56 25.47
N TYR C 151 9.66 -48.40 25.30
CA TYR C 151 8.71 -48.27 24.21
C TYR C 151 7.29 -47.98 24.68
N LEU C 152 6.76 -46.81 24.29
CA LEU C 152 5.40 -46.42 24.67
C LEU C 152 4.43 -47.53 24.36
N CYS C 153 4.78 -48.35 23.39
CA CYS C 153 3.94 -49.46 22.95
C CYS C 153 3.94 -50.66 23.89
N CYS C 154 5.03 -50.83 24.64
CA CYS C 154 5.12 -51.98 25.53
C CYS C 154 5.99 -51.78 26.77
N SER C 155 6.79 -50.71 26.76
CA SER C 155 7.66 -50.37 27.89
C SER C 155 8.97 -51.15 27.99
N GLN C 156 9.20 -52.10 27.08
CA GLN C 156 10.43 -52.89 27.13
C GLN C 156 11.65 -51.98 27.12
N THR C 157 12.63 -52.29 27.97
CA THR C 157 13.83 -51.47 28.08
C THR C 157 14.90 -51.71 27.01
N ALA C 158 14.68 -52.68 26.13
CA ALA C 158 15.66 -52.99 25.08
C ALA C 158 15.38 -52.22 23.80
N LYS C 159 16.35 -51.42 23.36
CA LYS C 159 16.18 -50.66 22.14
C LYS C 159 15.99 -51.63 20.98
N ASN C 160 16.58 -52.82 21.11
CA ASN C 160 16.46 -53.83 20.07
C ASN C 160 15.65 -55.02 20.58
N ALA C 161 14.61 -54.74 21.36
CA ALA C 161 13.75 -55.78 21.90
C ALA C 161 12.73 -56.19 20.85
N MET C 162 12.34 -57.47 20.86
CA MET C 162 11.37 -57.95 19.89
C MET C 162 10.14 -57.04 19.79
N GLY C 163 9.41 -57.17 18.70
CA GLY C 163 8.23 -56.33 18.48
C GLY C 163 6.99 -56.65 19.30
N CYS C 164 6.56 -55.69 20.11
CA CYS C 164 5.38 -55.89 20.92
C CYS C 164 4.13 -56.15 20.07
N GLN C 165 4.20 -55.88 18.78
CA GLN C 165 3.02 -56.08 17.96
C GLN C 165 3.22 -56.72 16.60
N ILE C 166 2.20 -57.46 16.16
CA ILE C 166 2.22 -58.16 14.88
C ILE C 166 2.06 -57.20 13.72
N LEU C 167 2.95 -57.34 12.73
CA LEU C 167 2.93 -56.51 11.56
C LEU C 167 1.78 -56.90 10.62
N GLU C 168 0.99 -55.91 10.21
CA GLU C 168 -0.12 -56.17 9.31
C GLU C 168 0.24 -55.83 7.88
N ASN C 169 0.65 -56.84 7.12
CA ASN C 169 1.03 -56.67 5.72
C ASN C 169 1.60 -57.98 5.17
N ALA D 1 0.81 -5.58 8.39
CA ALA D 1 0.72 -5.85 6.91
C ALA D 1 0.81 -7.33 6.58
N ALA D 2 -0.29 -7.88 6.09
CA ALA D 2 -0.38 -9.29 5.74
C ALA D 2 0.59 -9.66 4.62
N VAL D 3 0.97 -10.92 4.57
CA VAL D 3 1.87 -11.36 3.51
C VAL D 3 1.03 -11.88 2.37
N ILE D 4 1.17 -11.27 1.21
CA ILE D 4 0.43 -11.67 0.03
C ILE D 4 1.02 -12.96 -0.53
N LEU D 5 2.35 -13.01 -0.66
CA LEU D 5 3.03 -14.18 -1.18
C LEU D 5 4.38 -14.41 -0.48
N GLU D 6 4.87 -15.65 -0.51
CA GLU D 6 6.12 -15.98 0.12
C GLU D 6 6.76 -17.17 -0.59
N SER D 7 7.82 -16.94 -1.36
CA SER D 7 8.48 -18.01 -2.10
C SER D 7 9.99 -17.94 -2.04
N ILE D 8 10.66 -19.03 -2.36
CA ILE D 8 12.11 -19.05 -2.43
C ILE D 8 12.47 -18.98 -3.91
N PHE D 9 13.23 -17.97 -4.27
CA PHE D 9 13.61 -17.77 -5.65
C PHE D 9 15.10 -17.57 -5.73
N LEU D 10 15.59 -17.48 -6.97
CA LEU D 10 16.98 -17.21 -7.25
C LEU D 10 17.02 -15.80 -7.86
N LYS D 11 17.82 -14.89 -7.30
CA LYS D 11 17.89 -13.54 -7.86
C LYS D 11 19.28 -13.16 -8.38
N ARG D 12 19.30 -12.32 -9.40
CA ARG D 12 20.55 -11.87 -9.97
C ARG D 12 20.93 -10.59 -9.27
N SER D 13 22.23 -10.41 -9.07
CA SER D 13 22.76 -9.21 -8.43
C SER D 13 22.31 -8.00 -9.21
N GLN D 14 21.86 -6.97 -8.50
CA GLN D 14 21.40 -5.74 -9.14
C GLN D 14 22.57 -4.88 -9.57
N GLN D 15 23.72 -5.10 -8.94
CA GLN D 15 24.93 -4.33 -9.20
C GLN D 15 24.70 -2.83 -9.00
N LYS D 16 24.30 -2.45 -7.79
CA LYS D 16 24.08 -1.03 -7.50
C LYS D 16 25.44 -0.36 -7.45
N LYS D 17 26.42 -1.04 -6.86
CA LYS D 17 27.78 -0.52 -6.76
C LYS D 17 28.56 -1.13 -7.92
N LYS D 18 29.36 -0.33 -8.62
CA LYS D 18 30.14 -0.84 -9.74
C LYS D 18 31.09 -1.95 -9.33
N THR D 19 31.40 -2.01 -8.02
CA THR D 19 32.30 -3.03 -7.48
C THR D 19 31.64 -4.39 -7.19
N SER D 20 30.41 -4.59 -7.67
CA SER D 20 29.71 -5.84 -7.40
C SER D 20 29.76 -6.90 -8.50
N PRO D 21 29.70 -8.17 -8.08
CA PRO D 21 29.74 -9.35 -8.95
C PRO D 21 28.37 -9.55 -9.60
N LEU D 22 28.35 -10.17 -10.77
CA LEU D 22 27.11 -10.43 -11.47
C LEU D 22 26.75 -11.86 -11.08
N ASN D 23 26.34 -12.03 -9.82
CA ASN D 23 26.02 -13.35 -9.31
C ASN D 23 24.58 -13.57 -8.85
N PHE D 24 24.26 -14.83 -8.57
CA PHE D 24 22.93 -15.23 -8.14
C PHE D 24 22.85 -15.80 -6.72
N LYS D 25 21.95 -15.26 -5.93
CA LYS D 25 21.74 -15.72 -4.57
C LYS D 25 20.34 -16.28 -4.42
N LYS D 26 20.24 -17.34 -3.64
CA LYS D 26 18.95 -17.96 -3.37
C LYS D 26 18.36 -17.11 -2.24
N ARG D 27 17.14 -16.63 -2.40
CA ARG D 27 16.53 -15.78 -1.37
C ARG D 27 15.07 -16.10 -1.09
N LEU D 28 14.62 -15.74 0.12
CA LEU D 28 13.24 -15.93 0.47
C LEU D 28 12.56 -14.58 0.18
N PHE D 29 11.60 -14.56 -0.73
CA PHE D 29 10.89 -13.32 -1.06
C PHE D 29 9.52 -13.22 -0.41
N LEU D 30 9.20 -12.02 0.09
CA LEU D 30 7.92 -11.73 0.73
C LEU D 30 7.31 -10.56 -0.03
N LEU D 31 5.99 -10.60 -0.17
CA LEU D 31 5.27 -9.54 -0.86
C LEU D 31 4.10 -8.99 -0.05
N THR D 32 4.21 -7.74 0.40
CA THR D 32 3.11 -7.09 1.11
C THR D 32 2.69 -5.99 0.15
N VAL D 33 1.54 -5.38 0.39
CA VAL D 33 1.06 -4.30 -0.47
C VAL D 33 2.06 -3.15 -0.45
N HIS D 34 2.85 -3.07 0.61
CA HIS D 34 3.82 -2.01 0.77
C HIS D 34 5.19 -2.28 0.14
N LYS D 35 5.73 -3.46 0.38
CA LYS D 35 7.04 -3.72 -0.16
C LYS D 35 7.31 -5.15 -0.55
N LEU D 36 8.36 -5.30 -1.34
CA LEU D 36 8.82 -6.59 -1.83
C LEU D 36 10.22 -6.69 -1.29
N SER D 37 10.46 -7.61 -0.37
CA SER D 37 11.80 -7.72 0.17
C SER D 37 12.33 -9.14 0.09
N TYR D 38 13.64 -9.30 0.20
CA TYR D 38 14.23 -10.62 0.15
C TYR D 38 15.22 -10.86 1.28
N TYR D 39 15.22 -12.09 1.78
CA TYR D 39 16.09 -12.47 2.90
C TYR D 39 16.85 -13.76 2.63
N GLU D 40 17.95 -13.93 3.34
CA GLU D 40 18.73 -15.14 3.24
C GLU D 40 17.78 -16.12 3.92
N TYR D 41 17.74 -17.34 3.44
CA TYR D 41 16.85 -18.32 4.03
C TYR D 41 17.71 -19.24 4.89
N ASP D 42 17.29 -19.46 6.14
CA ASP D 42 18.05 -20.34 7.03
C ASP D 42 17.46 -21.75 6.96
N PHE D 43 17.99 -22.56 6.05
CA PHE D 43 17.53 -23.93 5.82
C PHE D 43 17.54 -24.83 7.06
N GLU D 44 18.65 -24.83 7.78
CA GLU D 44 18.76 -25.66 8.96
C GLU D 44 17.64 -25.36 9.97
N ARG D 45 17.53 -24.10 10.39
CA ARG D 45 16.50 -23.71 11.38
C ARG D 45 15.08 -23.55 10.82
N GLY D 46 14.93 -23.66 9.50
CA GLY D 46 13.62 -23.51 8.91
C GLY D 46 12.94 -22.16 9.13
N ARG D 47 13.61 -21.10 8.70
CA ARG D 47 13.05 -19.77 8.84
C ARG D 47 13.82 -18.78 7.98
N ARG D 48 13.29 -17.56 7.85
CA ARG D 48 13.98 -16.56 7.06
C ARG D 48 15.07 -15.96 7.92
N GLY D 49 16.20 -15.68 7.30
CA GLY D 49 17.32 -15.10 8.01
C GLY D 49 17.46 -13.61 7.84
N SER D 50 18.70 -13.18 7.72
CA SER D 50 19.07 -11.78 7.57
C SER D 50 18.49 -11.11 6.33
N LYS D 51 17.69 -10.06 6.54
CA LYS D 51 17.09 -9.32 5.44
C LYS D 51 18.23 -8.88 4.53
N LYS D 52 18.12 -9.17 3.23
CA LYS D 52 19.17 -8.79 2.29
C LYS D 52 18.79 -7.69 1.30
N GLY D 53 17.52 -7.29 1.28
CA GLY D 53 17.10 -6.24 0.36
C GLY D 53 15.61 -5.97 0.39
N SER D 54 15.21 -4.86 -0.20
CA SER D 54 13.81 -4.50 -0.22
C SER D 54 13.54 -3.41 -1.25
N ILE D 55 12.32 -3.40 -1.79
CA ILE D 55 11.94 -2.41 -2.78
C ILE D 55 10.57 -1.86 -2.39
N ASP D 56 10.47 -0.54 -2.24
CA ASP D 56 9.19 0.05 -1.91
C ASP D 56 8.28 -0.25 -3.08
N VAL D 57 7.10 -0.79 -2.82
CA VAL D 57 6.20 -1.12 -3.92
C VAL D 57 5.82 0.09 -4.77
N GLU D 58 5.68 1.26 -4.14
CA GLU D 58 5.28 2.44 -4.87
C GLU D 58 6.31 2.82 -5.94
N LYS D 59 7.52 2.26 -5.83
CA LYS D 59 8.57 2.56 -6.79
C LYS D 59 8.51 1.63 -8.01
N ILE D 60 7.70 0.59 -7.93
CA ILE D 60 7.60 -0.33 -9.07
C ILE D 60 6.74 0.29 -10.17
N THR D 61 7.22 0.25 -11.41
CA THR D 61 6.47 0.80 -12.54
C THR D 61 6.16 -0.27 -13.59
N CYS D 62 6.65 -1.48 -13.39
CA CYS D 62 6.41 -2.57 -14.34
C CYS D 62 6.91 -3.92 -13.85
N VAL D 63 6.19 -4.98 -14.22
CA VAL D 63 6.58 -6.34 -13.85
C VAL D 63 6.19 -7.20 -15.02
N GLU D 64 7.10 -8.05 -15.49
CA GLU D 64 6.82 -8.93 -16.63
C GLU D 64 7.82 -10.09 -16.66
N THR D 65 7.57 -11.05 -17.55
CA THR D 65 8.44 -12.18 -17.73
C THR D 65 9.65 -11.65 -18.46
N VAL D 66 10.67 -12.47 -18.61
CA VAL D 66 11.89 -12.09 -19.30
C VAL D 66 12.29 -13.19 -20.26
N VAL D 67 12.65 -12.82 -21.49
CA VAL D 67 13.09 -13.82 -22.44
C VAL D 67 14.23 -14.54 -21.71
N PRO D 68 14.27 -15.88 -21.80
CA PRO D 68 15.32 -16.66 -21.14
C PRO D 68 16.74 -16.45 -21.64
N GLU D 69 17.70 -16.85 -20.80
CA GLU D 69 19.10 -16.77 -21.15
C GLU D 69 19.31 -17.78 -22.27
N LYS D 70 20.06 -17.36 -23.29
CA LYS D 70 20.36 -18.19 -24.45
C LYS D 70 21.01 -19.52 -24.05
N ASN D 71 21.93 -19.49 -23.09
CA ASN D 71 22.58 -20.71 -22.63
C ASN D 71 22.90 -20.61 -21.15
N PRO D 72 21.93 -20.93 -20.29
CA PRO D 72 22.13 -20.87 -18.85
C PRO D 72 22.72 -22.14 -18.27
N PRO D 73 23.34 -22.05 -17.09
CA PRO D 73 23.94 -23.21 -16.44
C PRO D 73 22.82 -24.13 -15.93
N PRO D 74 23.16 -25.35 -15.48
CA PRO D 74 22.11 -26.25 -14.99
C PRO D 74 21.20 -25.65 -13.92
N GLU D 75 21.76 -24.87 -13.01
CA GLU D 75 20.97 -24.24 -11.96
C GLU D 75 19.78 -23.45 -12.50
N ARG D 76 19.78 -23.13 -13.80
CA ARG D 76 18.68 -22.37 -14.37
C ARG D 76 18.16 -22.92 -15.71
N GLN D 77 18.31 -24.22 -15.93
CA GLN D 77 17.85 -24.84 -17.17
C GLN D 77 16.43 -25.41 -17.03
N ILE D 78 15.66 -25.37 -18.13
CA ILE D 78 14.27 -25.82 -18.14
C ILE D 78 13.93 -27.18 -17.49
N PRO D 79 14.65 -28.26 -17.85
CA PRO D 79 14.35 -29.56 -17.26
C PRO D 79 14.37 -29.55 -15.73
N MET D 88 12.38 -35.53 -5.72
CA MET D 88 11.83 -34.86 -6.88
C MET D 88 11.37 -33.43 -6.60
N GLU D 89 10.10 -33.17 -6.89
CA GLU D 89 9.47 -31.85 -6.70
C GLU D 89 9.96 -31.10 -5.47
N GLN D 90 9.85 -31.74 -4.31
CA GLN D 90 10.29 -31.10 -3.08
C GLN D 90 11.69 -30.53 -3.26
N ILE D 91 12.57 -31.30 -3.88
CA ILE D 91 13.94 -30.87 -4.09
C ILE D 91 14.13 -29.92 -5.26
N SER D 92 13.69 -30.33 -6.45
CA SER D 92 13.88 -29.49 -7.62
C SER D 92 13.31 -28.08 -7.42
N ILE D 93 12.18 -27.99 -6.73
CA ILE D 93 11.51 -26.72 -6.48
C ILE D 93 12.41 -25.71 -5.74
N ILE D 94 13.51 -26.18 -5.17
CA ILE D 94 14.44 -25.26 -4.49
C ILE D 94 15.85 -25.35 -5.06
N GLU D 95 16.01 -25.97 -6.22
CA GLU D 95 17.31 -26.09 -6.85
C GLU D 95 17.35 -25.60 -8.31
N ARG D 96 16.25 -25.76 -9.05
CA ARG D 96 16.20 -25.31 -10.42
C ARG D 96 15.30 -24.10 -10.55
N PHE D 97 15.83 -23.03 -11.14
CA PHE D 97 15.06 -21.79 -11.32
C PHE D 97 15.22 -21.32 -12.76
N PRO D 98 14.36 -21.83 -13.66
CA PRO D 98 14.39 -21.50 -15.09
C PRO D 98 13.41 -20.45 -15.61
N TYR D 99 12.48 -20.00 -14.78
CA TYR D 99 11.53 -19.02 -15.26
C TYR D 99 11.73 -17.66 -14.63
N PRO D 100 12.41 -16.77 -15.36
CA PRO D 100 12.71 -15.42 -14.91
C PRO D 100 11.69 -14.37 -15.23
N PHE D 101 11.56 -13.42 -14.32
CA PHE D 101 10.68 -12.29 -14.50
C PHE D 101 11.43 -11.06 -13.98
N GLN D 102 10.92 -9.88 -14.32
CA GLN D 102 11.57 -8.63 -13.91
C GLN D 102 10.67 -7.67 -13.17
N VAL D 103 11.21 -7.07 -12.11
CA VAL D 103 10.50 -6.08 -11.33
C VAL D 103 11.28 -4.83 -11.69
N VAL D 104 10.60 -3.85 -12.26
CA VAL D 104 11.29 -2.65 -12.68
C VAL D 104 11.01 -1.45 -11.80
N TYR D 105 12.07 -0.76 -11.38
CA TYR D 105 11.95 0.45 -10.59
C TYR D 105 13.13 1.37 -10.90
N ASP D 106 13.20 2.52 -10.23
CA ASP D 106 14.26 3.49 -10.51
C ASP D 106 15.68 2.94 -10.54
N GLU D 107 16.02 2.00 -9.66
CA GLU D 107 17.37 1.46 -9.64
C GLU D 107 17.48 0.19 -10.46
N GLY D 108 17.44 0.36 -11.78
CA GLY D 108 17.54 -0.77 -12.69
C GLY D 108 16.49 -1.82 -12.41
N PRO D 109 16.48 -2.92 -13.16
CA PRO D 109 15.50 -3.98 -12.95
C PRO D 109 16.04 -5.09 -12.06
N LEU D 110 15.15 -5.70 -11.27
CA LEU D 110 15.52 -6.82 -10.40
C LEU D 110 15.06 -8.09 -11.10
N TYR D 111 16.00 -8.96 -11.44
CA TYR D 111 15.70 -10.20 -12.13
C TYR D 111 15.53 -11.34 -11.13
N VAL D 112 14.35 -11.94 -11.16
CA VAL D 112 13.98 -13.03 -10.26
C VAL D 112 13.65 -14.30 -11.03
N PHE D 113 14.29 -15.39 -10.61
CA PHE D 113 14.11 -16.67 -11.25
C PHE D 113 13.28 -17.61 -10.41
N SER D 114 12.14 -18.02 -10.95
CA SER D 114 11.23 -18.94 -10.28
C SER D 114 11.54 -20.35 -10.72
N PRO D 115 11.21 -21.33 -9.88
CA PRO D 115 11.45 -22.73 -10.22
C PRO D 115 10.35 -23.29 -11.13
N THR D 116 9.15 -22.74 -11.06
CA THR D 116 8.05 -23.21 -11.91
C THR D 116 7.34 -22.09 -12.67
N GLU D 117 6.64 -22.47 -13.73
CA GLU D 117 5.91 -21.52 -14.54
C GLU D 117 4.65 -21.02 -13.85
N GLU D 118 4.08 -21.83 -12.97
CA GLU D 118 2.87 -21.44 -12.27
C GLU D 118 3.18 -20.41 -11.20
N LEU D 119 4.24 -20.65 -10.44
CA LEU D 119 4.63 -19.72 -9.39
C LEU D 119 4.92 -18.34 -9.99
N ARG D 120 5.53 -18.31 -11.17
CA ARG D 120 5.82 -17.04 -11.84
C ARG D 120 4.52 -16.33 -12.23
N LYS D 121 3.55 -17.08 -12.74
CA LYS D 121 2.27 -16.48 -13.11
C LYS D 121 1.64 -15.90 -11.85
N ARG D 122 1.73 -16.61 -10.74
CA ARG D 122 1.14 -16.12 -9.50
C ARG D 122 1.78 -14.84 -9.01
N TRP D 123 3.12 -14.77 -9.06
CA TRP D 123 3.84 -13.57 -8.61
C TRP D 123 3.63 -12.36 -9.50
N ILE D 124 3.75 -12.56 -10.81
CA ILE D 124 3.58 -11.47 -11.74
C ILE D 124 2.17 -10.93 -11.56
N HIS D 125 1.22 -11.83 -11.34
CA HIS D 125 -0.17 -11.43 -11.14
C HIS D 125 -0.36 -10.59 -9.88
N GLN D 126 0.16 -11.05 -8.74
CA GLN D 126 0.00 -10.29 -7.51
C GLN D 126 0.77 -8.97 -7.51
N LEU D 127 1.94 -8.97 -8.13
CA LEU D 127 2.74 -7.76 -8.18
C LEU D 127 1.99 -6.72 -8.99
N LYS D 128 1.28 -7.17 -10.02
CA LYS D 128 0.50 -6.27 -10.84
C LYS D 128 -0.68 -5.67 -10.07
N ASN D 129 -1.27 -6.46 -9.17
CA ASN D 129 -2.41 -5.99 -8.38
C ASN D 129 -2.01 -4.92 -7.39
N VAL D 130 -0.79 -5.06 -6.87
CA VAL D 130 -0.27 -4.11 -5.91
C VAL D 130 0.25 -2.82 -6.54
N ILE D 131 0.82 -2.89 -7.75
CA ILE D 131 1.32 -1.66 -8.39
C ILE D 131 0.22 -0.83 -9.05
N ARG D 132 -1.01 -1.35 -9.03
CA ARG D 132 -2.14 -0.63 -9.61
C ARG D 132 -2.37 0.63 -8.79
N TYR D 133 -1.92 0.60 -7.54
CA TYR D 133 -2.05 1.72 -6.62
C TYR D 133 -1.03 2.83 -6.93
N ASN D 134 -0.23 2.64 -7.98
CA ASN D 134 0.77 3.63 -8.36
C ASN D 134 0.25 4.58 -9.42
N SER D 135 0.63 5.85 -9.31
CA SER D 135 0.18 6.89 -10.24
C SER D 135 0.81 6.92 -11.62
N ASP D 136 1.92 6.22 -11.82
CA ASP D 136 2.54 6.23 -13.15
C ASP D 136 3.41 5.02 -13.52
N LEU D 137 2.73 3.96 -13.94
CA LEU D 137 3.36 2.73 -14.39
C LEU D 137 3.81 3.00 -15.82
N VAL D 138 4.91 2.38 -16.23
CA VAL D 138 5.41 2.58 -17.59
C VAL D 138 4.64 1.78 -18.62
N GLN D 139 4.42 2.39 -19.77
CA GLN D 139 3.69 1.77 -20.86
C GLN D 139 4.61 0.80 -21.61
N LYS D 140 5.92 0.99 -21.44
CA LYS D 140 6.90 0.15 -22.14
C LYS D 140 7.94 -0.47 -21.20
N TYR D 141 8.66 -1.47 -21.72
CA TYR D 141 9.67 -2.17 -20.95
C TYR D 141 10.61 -2.91 -21.90
N HIS D 142 11.66 -3.52 -21.34
CA HIS D 142 12.66 -4.30 -22.08
C HIS D 142 12.35 -5.80 -21.92
N PRO D 143 12.13 -6.51 -23.03
CA PRO D 143 11.82 -7.94 -22.93
C PRO D 143 13.00 -8.82 -22.56
N CYS D 144 14.21 -8.34 -22.81
CA CYS D 144 15.39 -9.14 -22.49
C CYS D 144 16.15 -8.63 -21.28
N PHE D 145 17.15 -9.41 -20.88
CA PHE D 145 18.00 -9.09 -19.75
C PHE D 145 18.92 -7.91 -20.06
N TRP D 146 19.55 -7.38 -19.02
CA TRP D 146 20.50 -6.29 -19.17
C TRP D 146 21.87 -6.94 -19.01
N ILE D 147 22.36 -7.55 -20.08
CA ILE D 147 23.65 -8.21 -20.07
C ILE D 147 24.79 -7.32 -20.55
N ASP D 148 25.97 -7.53 -20.00
CA ASP D 148 27.19 -6.80 -20.34
C ASP D 148 27.09 -5.33 -20.75
N GLY D 149 26.55 -4.49 -19.88
CA GLY D 149 26.45 -3.08 -20.18
C GLY D 149 25.30 -2.60 -21.03
N GLN D 150 24.50 -3.50 -21.57
CA GLN D 150 23.37 -3.07 -22.39
C GLN D 150 22.23 -4.10 -22.49
N TYR D 151 21.08 -3.64 -22.97
CA TYR D 151 19.93 -4.52 -23.13
C TYR D 151 20.05 -5.31 -24.44
N LEU D 152 19.83 -6.62 -24.37
CA LEU D 152 19.91 -7.48 -25.54
C LEU D 152 18.78 -7.23 -26.50
N CYS D 153 17.75 -6.56 -26.03
CA CYS D 153 16.57 -6.30 -26.86
C CYS D 153 16.58 -5.04 -27.73
N CYS D 154 17.32 -4.03 -27.29
CA CYS D 154 17.34 -2.77 -28.02
C CYS D 154 18.76 -2.22 -28.07
N SER D 155 19.64 -2.85 -27.31
CA SER D 155 21.05 -2.48 -27.25
C SER D 155 21.34 -1.20 -26.46
N GLN D 156 20.34 -0.57 -25.86
CA GLN D 156 20.60 0.64 -25.07
C GLN D 156 21.42 0.24 -23.84
N THR D 157 22.16 1.18 -23.27
CA THR D 157 23.02 0.85 -22.14
C THR D 157 22.51 1.19 -20.74
N ALA D 158 22.16 2.45 -20.49
CA ALA D 158 21.66 2.82 -19.16
C ALA D 158 20.58 1.86 -18.68
N LYS D 159 20.72 1.37 -17.45
CA LYS D 159 19.74 0.43 -16.89
C LYS D 159 18.32 0.97 -16.90
N ASN D 160 18.18 2.29 -16.79
CA ASN D 160 16.84 2.85 -16.80
C ASN D 160 16.40 3.48 -18.12
N ALA D 161 17.03 3.06 -19.20
CA ALA D 161 16.64 3.58 -20.50
C ALA D 161 15.16 3.22 -20.66
N MET D 162 14.42 4.06 -21.36
CA MET D 162 13.00 3.80 -21.60
C MET D 162 12.87 2.39 -22.20
N GLY D 163 11.75 1.72 -21.93
CA GLY D 163 11.54 0.39 -22.48
C GLY D 163 11.40 0.40 -23.99
N CYS D 164 11.96 -0.60 -24.66
CA CYS D 164 11.92 -0.71 -26.10
C CYS D 164 10.68 -1.37 -26.71
N GLN D 165 9.69 -1.72 -25.88
CA GLN D 165 8.50 -2.38 -26.40
C GLN D 165 7.20 -2.09 -25.65
N ILE D 166 6.20 -1.65 -26.41
CA ILE D 166 4.89 -1.32 -25.87
C ILE D 166 4.36 -2.53 -25.11
N LEU D 167 3.83 -2.28 -23.92
CA LEU D 167 3.29 -3.34 -23.06
C LEU D 167 1.78 -3.44 -23.22
N GLU D 168 1.30 -4.63 -23.59
CA GLU D 168 -0.12 -4.85 -23.78
C GLU D 168 -0.77 -5.31 -22.48
N ASN D 169 -1.41 -4.37 -21.79
CA ASN D 169 -2.08 -4.65 -20.52
C ASN D 169 -2.45 -3.32 -19.84
ZN ZN E . -15.78 1.91 24.80
OP1 4PT F . -2.23 24.58 19.80
P1 4PT F . -1.34 23.47 19.42
OP3 4PT F . -0.15 23.23 20.48
OP2 4PT F . -0.63 23.74 18.00
O1 4PT F . -2.15 22.09 19.26
C1 4PT F . -1.49 20.93 18.72
C2 4PT F . -2.32 20.38 17.56
O2 4PT F . -3.62 20.01 18.05
C3 4PT F . -1.64 19.15 16.98
O3 4PT F . -2.41 18.63 15.88
P3 4PT F . -1.96 18.95 14.36
O11 4PT F . -1.65 20.53 14.30
O10 4PT F . -2.98 18.54 13.38
O12 4PT F . -0.55 18.20 14.16
C4 4PT F . -1.49 18.07 18.05
O4 4PT F . -0.80 16.95 17.50
P4 4PT F . -1.61 15.76 16.78
OP5 4PT F . -1.34 15.91 15.20
OP6 4PT F . -0.89 14.38 17.21
OP4 4PT F . -3.05 15.76 17.11
C5 4PT F . -0.71 18.60 19.26
O5 4PT F . -0.66 17.61 20.29
P5 4PT F . 0.25 16.29 20.17
OP8 4PT F . 1.16 16.44 18.87
OP7 4PT F . -0.57 15.05 20.15
OP9 4PT F . 1.24 16.34 21.43
C6 4PT F . -1.33 19.88 19.81
O6 4PT F . -0.47 20.40 20.83
ZN ZN G . -13.16 48.36 -25.25
O0F 4PT H . 4.56 44.55 1.38
C0E 4PT H . 3.49 43.78 0.81
C0C 4PT H . 2.68 44.59 -0.20
O0D 4PT H . 1.96 45.65 0.45
C0B 4PT H . 1.69 43.60 -0.80
OP1 4PT H . 0.75 44.21 -1.69
P1 4PT H . -0.31 43.23 -2.41
OP3 4PT H . -1.32 42.84 -1.41
OP2 4PT H . 0.48 42.15 -3.05
O1 4PT H . -0.98 44.15 -3.54
C1 4PT H . -2.21 44.84 -3.28
C2 4PT H . -3.40 43.87 -3.32
O2 4PT H . -3.49 43.28 -4.63
C3 4PT H . -4.70 44.61 -3.00
O3 4PT H . -5.79 43.70 -3.08
P3 4PT H . -6.79 43.50 -1.84
O11 4PT H . -6.09 43.06 -0.60
O10 4PT H . -7.88 42.41 -2.28
O12 4PT H . -7.56 44.89 -1.65
C4 4PT H . -4.92 45.77 -4.00
O4 4PT H . -6.01 46.57 -3.54
P4 4PT H . -7.45 46.53 -4.24
OP5 4PT H . -8.45 45.91 -3.34
OP6 4PT H . -7.85 48.03 -4.67
OP4 4PT H . -7.26 45.73 -5.63
C5 4PT H . -3.71 46.70 -4.06
O5 4PT H . -3.94 47.61 -5.13
P5 4PT H . -4.35 49.14 -4.82
OP8 4PT H . -5.80 49.32 -4.61
OP7 4PT H . -3.82 50.00 -6.08
OP9 4PT H . -3.49 49.57 -3.52
C6 4PT H . -2.41 45.93 -4.32
O6 4PT H . -1.31 46.84 -4.29
C0L 4PT H . 5.45 43.72 1.98
O0M 4PT H . 6.44 44.19 2.55
C0N 4PT H . 5.24 42.20 1.95
C0P 4PT H . 5.83 41.58 0.69
C0Q 4PT H . 5.56 40.07 0.63
C0G 4PT H . 1.87 46.76 -0.34
O0H 4PT H . 1.12 47.82 0.08
C0I 4PT H . 2.51 46.83 -1.57
C0J 4PT H . 2.56 48.05 -2.25
C0K 4PT H . 3.19 48.13 -3.48
ZN ZN I . 6.74 -52.20 21.76
OP1 4PT J . 23.80 -32.29 17.26
P1 4PT J . 24.71 -33.45 17.41
OP3 4PT J . 25.57 -33.37 18.76
OP2 4PT J . 25.77 -33.55 16.20
O1 4PT J . 23.93 -34.85 17.42
C1 4PT J . 24.20 -35.85 16.43
C2 4PT J . 23.34 -35.60 15.19
O2 4PT J . 21.96 -35.66 15.54
C3 4PT J . 23.64 -36.66 14.13
O3 4PT J . 22.86 -36.41 12.95
P3 4PT J . 23.49 -36.72 11.50
O11 4PT J . 24.28 -35.40 11.04
O10 4PT J . 22.46 -37.13 10.52
O12 4PT J . 24.60 -37.86 11.73
C4 4PT J . 23.33 -38.05 14.69
O4 4PT J . 23.62 -39.04 13.69
P4 4PT J . 22.74 -40.38 13.60
OP5 4PT J . 21.50 -40.05 12.63
OP6 4PT J . 23.64 -41.46 12.80
OP4 4PT J . 22.29 -40.89 14.91
C5 4PT J . 24.16 -38.31 15.94
O5 4PT J . 23.86 -39.61 16.48
P5 4PT J . 25.01 -40.73 16.57
OP8 4PT J . 26.42 -39.97 16.39
OP7 4PT J . 24.83 -41.81 15.58
OP9 4PT J . 24.97 -41.28 18.07
C6 4PT J . 23.89 -37.24 17.00
O6 4PT J . 24.71 -37.48 18.14
ZN ZN K . 15.04 -3.00 -24.71
O0F 4PT L . 32.28 -6.66 -1.07
C0E 4PT L . 31.25 -7.33 -1.82
C0C 4PT L . 30.35 -8.08 -0.85
O0D 4PT L . 31.06 -9.09 -0.10
C0B 4PT L . 29.14 -8.69 -1.55
OP1 4PT L . 29.49 -9.76 -2.44
P1 4PT L . 28.38 -10.86 -2.83
OP3 4PT L . 27.54 -11.12 -1.64
OP2 4PT L . 29.10 -12.00 -3.46
O1 4PT L . 27.51 -10.10 -3.96
C1 4PT L . 26.46 -9.23 -3.58
C2 4PT L . 25.12 -9.96 -3.62
O2 4PT L . 24.91 -10.48 -4.93
C3 4PT L . 23.98 -9.03 -3.24
O3 4PT L . 22.74 -9.75 -3.34
P3 4PT L . 21.78 -9.88 -2.07
O11 4PT L . 22.43 -10.61 -0.95
O10 4PT L . 20.46 -10.63 -2.60
O12 4PT L . 21.32 -8.39 -1.65
C4 4PT L . 23.94 -7.82 -4.18
O4 4PT L . 22.94 -6.90 -3.69
P4 4PT L . 21.52 -6.74 -4.43
OP5 4PT L . 20.40 -7.03 -3.51
OP6 4PT L . 21.45 -5.24 -5.01
OP4 4PT L . 21.57 -7.73 -5.71
C5 4PT L . 25.28 -7.09 -4.20
O5 4PT L . 25.21 -6.07 -5.21
P5 4PT L . 24.98 -4.54 -4.80
OP8 4PT L . 23.61 -4.05 -5.15
OP7 4PT L . 26.13 -3.74 -5.58
OP9 4PT L . 25.27 -4.41 -3.22
C6 4PT L . 26.43 -8.03 -4.55
O6 4PT L . 27.66 -7.33 -4.48
C0L 4PT L . 31.83 -5.51 -0.49
O0M 4PT L . 32.60 -4.86 0.21
C0N 4PT L . 30.39 -5.03 -0.70
C0P 4PT L . 30.27 -4.14 -1.94
C0Q 4PT L . 28.82 -3.68 -2.15
C0G 4PT L . 31.75 -9.98 -0.85
O0H 4PT L . 31.84 -9.84 -2.20
C0I 4PT L . 32.40 -11.04 -0.22
C0J 4PT L . 32.22 -11.24 1.14
C0K 4PT L . 32.86 -12.31 1.77
#